data_7ZS7
#
_entry.id   7ZS7
#
_cell.length_a   57.370
_cell.length_b   62.560
_cell.length_c   68.150
_cell.angle_alpha   105.477
_cell.angle_beta   93.430
_cell.angle_gamma   115.518
#
_symmetry.space_group_name_H-M   'P 1'
#
loop_
_entity.id
_entity.type
_entity.pdbx_description
1 polymer 'Cathepsin L'
2 non-polymer (2S)-2-[(4-fluorophenyl)sulfonylamino]-3-methyl-N-[(2S)-4-methyl-1-oxidanyl-pentan-2-yl]butanamide
3 non-polymer 'DIMETHYL SULFOXIDE'
4 non-polymer 'ACETATE ION'
5 non-polymer DI(HYDROXYETHYL)ETHER
6 water water
#
_entity_poly.entity_id   1
_entity_poly.type   'polypeptide(L)'
_entity_poly.pdbx_seq_one_letter_code
;APRSVDWREKGYVTPVKNQGQCGSCWAFSATGALEGQMFRKTGRLISLSEQNLVDCSGPQGNEGCNGGLMDYAFQYVQDN
GGLDSEESYPYEATEESCKYNPKYSVANDAGFVDIPKQEKALMKAVATVGPISVAIDAGHESFLFYKEGIYFEPDCSSED
MDHGVLVVGYGFESTESDNNKYWLVKNSWGEEWGMGGYVKMAKDRRNHCGIASAASYPTV
;
_entity_poly.pdbx_strand_id   A,B,C,D
#
loop_
_chem_comp.id
_chem_comp.type
_chem_comp.name
_chem_comp.formula
ACT non-polymer 'ACETATE ION' 'C2 H3 O2 -1'
DMS non-polymer 'DIMETHYL SULFOXIDE' 'C2 H6 O S'
JQO non-polymer (2S)-2-[(4-fluorophenyl)sulfonylamino]-3-methyl-N-[(2S)-4-methyl-1-oxidanyl-pentan-2-yl]butanamide 'C17 H27 F N2 O4 S'
PEG non-polymer DI(HYDROXYETHYL)ETHER 'C4 H10 O3'
#
# COMPACT_ATOMS: atom_id res chain seq x y z
N ALA A 1 0.92 17.34 -28.35
CA ALA A 1 0.34 16.04 -27.93
C ALA A 1 -1.00 16.24 -27.20
N PRO A 2 -1.75 15.17 -26.96
CA PRO A 2 -2.90 15.27 -26.04
C PRO A 2 -2.45 15.60 -24.63
N ARG A 3 -3.40 16.01 -23.79
CA ARG A 3 -3.08 16.30 -22.39
C ARG A 3 -2.73 15.03 -21.60
N SER A 4 -3.27 13.89 -22.02
N SER A 4 -3.29 13.89 -22.01
CA SER A 4 -3.00 12.63 -21.34
CA SER A 4 -3.07 12.62 -21.33
C SER A 4 -3.11 11.52 -22.37
C SER A 4 -3.13 11.52 -22.38
N VAL A 5 -2.38 10.44 -22.13
CA VAL A 5 -2.41 9.23 -22.97
C VAL A 5 -2.34 8.00 -22.06
N ASP A 6 -3.05 6.92 -22.43
CA ASP A 6 -2.91 5.64 -21.73
C ASP A 6 -3.14 4.55 -22.78
N TRP A 7 -2.06 3.96 -23.25
CA TRP A 7 -2.19 2.99 -24.32
C TRP A 7 -2.81 1.68 -23.82
N ARG A 8 -2.87 1.44 -22.50
CA ARG A 8 -3.53 0.25 -22.00
C ARG A 8 -4.96 0.22 -22.46
N GLU A 9 -5.61 1.39 -22.53
CA GLU A 9 -7.03 1.46 -22.89
C GLU A 9 -7.29 1.15 -24.36
N LYS A 10 -6.24 1.18 -25.17
CA LYS A 10 -6.32 0.93 -26.60
C LYS A 10 -5.88 -0.46 -26.98
N GLY A 11 -5.48 -1.30 -26.01
CA GLY A 11 -5.14 -2.68 -26.31
C GLY A 11 -3.69 -2.96 -26.66
N TYR A 12 -2.81 -2.01 -26.40
CA TYR A 12 -1.40 -2.11 -26.79
C TYR A 12 -0.52 -2.81 -25.75
N VAL A 13 -1.02 -3.14 -24.56
CA VAL A 13 -0.16 -3.45 -23.40
C VAL A 13 -0.58 -4.77 -22.76
N THR A 14 0.37 -5.71 -22.61
CA THR A 14 0.10 -6.96 -21.90
C THR A 14 0.09 -6.72 -20.39
N PRO A 15 -0.33 -7.70 -19.60
CA PRO A 15 -0.26 -7.58 -18.15
C PRO A 15 1.17 -7.43 -17.65
N VAL A 16 1.27 -6.93 -16.42
CA VAL A 16 2.59 -6.84 -15.77
C VAL A 16 3.21 -8.21 -15.61
N LYS A 17 4.51 -8.29 -15.88
CA LYS A 17 5.34 -9.50 -15.77
C LYS A 17 6.34 -9.33 -14.61
N ASN A 18 7.13 -10.38 -14.36
CA ASN A 18 8.07 -10.33 -13.23
C ASN A 18 9.38 -10.95 -13.67
N GLN A 19 10.45 -10.12 -13.69
CA GLN A 19 11.74 -10.59 -14.16
C GLN A 19 12.44 -11.46 -13.12
N GLY A 20 11.93 -11.53 -11.88
CA GLY A 20 12.61 -12.34 -10.86
C GLY A 20 13.96 -11.76 -10.50
N GLN A 21 14.89 -12.64 -10.11
CA GLN A 21 16.23 -12.22 -9.68
C GLN A 21 17.23 -12.42 -10.82
N CYS A 22 16.91 -11.76 -11.93
CA CYS A 22 17.70 -11.78 -13.15
C CYS A 22 17.74 -10.33 -13.63
N GLY A 23 18.90 -9.84 -14.06
CA GLY A 23 19.03 -8.48 -14.56
C GLY A 23 18.59 -8.34 -16.00
N SER A 24 17.34 -8.76 -16.26
CA SER A 24 16.78 -8.81 -17.61
C SER A 24 15.75 -7.70 -17.86
N CYS A 25 15.78 -6.61 -17.08
CA CYS A 25 14.83 -5.51 -17.27
C CYS A 25 14.79 -5.06 -18.72
N TRP A 26 15.94 -5.02 -19.37
CA TRP A 26 16.02 -4.56 -20.76
C TRP A 26 15.17 -5.45 -21.69
N ALA A 27 15.09 -6.72 -21.38
CA ALA A 27 14.34 -7.64 -22.22
C ALA A 27 12.85 -7.39 -22.05
N PHE A 28 12.41 -7.11 -20.81
CA PHE A 28 11.00 -6.81 -20.55
C PHE A 28 10.60 -5.46 -21.16
N SER A 29 11.49 -4.47 -21.05
CA SER A 29 11.25 -3.20 -21.74
C SER A 29 11.12 -3.39 -23.25
N ALA A 30 12.00 -4.21 -23.84
CA ALA A 30 11.99 -4.43 -25.28
C ALA A 30 10.75 -5.19 -25.73
N THR A 31 10.37 -6.26 -25.01
CA THR A 31 9.16 -6.94 -25.42
C THR A 31 7.93 -6.03 -25.26
N GLY A 32 7.90 -5.19 -24.23
CA GLY A 32 6.73 -4.31 -24.11
C GLY A 32 6.60 -3.38 -25.32
N ALA A 33 7.72 -2.76 -25.74
CA ALA A 33 7.66 -1.84 -26.88
C ALA A 33 7.30 -2.58 -28.16
N LEU A 34 7.85 -3.79 -28.35
CA LEU A 34 7.53 -4.57 -29.54
C LEU A 34 6.09 -5.07 -29.52
N GLU A 35 5.60 -5.50 -28.35
CA GLU A 35 4.18 -5.87 -28.23
C GLU A 35 3.29 -4.73 -28.72
N GLY A 36 3.63 -3.50 -28.29
CA GLY A 36 2.83 -2.36 -28.69
C GLY A 36 2.88 -2.12 -30.19
N GLN A 37 4.07 -2.21 -30.79
CA GLN A 37 4.17 -1.90 -32.21
C GLN A 37 3.62 -3.01 -33.08
N MET A 38 3.72 -4.26 -32.64
CA MET A 38 3.06 -5.33 -33.39
C MET A 38 1.55 -5.18 -33.33
N PHE A 39 1.01 -4.74 -32.18
CA PHE A 39 -0.44 -4.50 -32.12
C PHE A 39 -0.82 -3.36 -33.07
N ARG A 40 -0.04 -2.30 -33.08
CA ARG A 40 -0.30 -1.18 -33.99
C ARG A 40 -0.34 -1.66 -35.44
N LYS A 41 0.51 -2.64 -35.78
CA LYS A 41 0.61 -3.09 -37.17
C LYS A 41 -0.50 -4.05 -37.54
N THR A 42 -0.87 -4.96 -36.62
CA THR A 42 -1.75 -6.08 -36.93
C THR A 42 -3.08 -6.08 -36.22
N GLY A 43 -3.23 -5.32 -35.13
CA GLY A 43 -4.46 -5.41 -34.34
C GLY A 43 -4.53 -6.58 -33.37
N ARG A 44 -3.46 -7.36 -33.23
CA ARG A 44 -3.42 -8.49 -32.30
C ARG A 44 -2.31 -8.25 -31.30
N LEU A 45 -2.67 -8.36 -30.03
CA LEU A 45 -1.70 -8.29 -28.94
C LEU A 45 -1.26 -9.70 -28.55
N ILE A 46 0.04 -9.98 -28.67
CA ILE A 46 0.59 -11.29 -28.32
C ILE A 46 1.80 -11.07 -27.42
N SER A 47 1.76 -11.66 -26.23
CA SER A 47 2.90 -11.58 -25.31
C SER A 47 4.13 -12.23 -25.91
N LEU A 48 5.27 -11.54 -25.81
CA LEU A 48 6.52 -11.95 -26.42
C LEU A 48 7.51 -12.50 -25.39
N SER A 49 8.46 -13.30 -25.87
CA SER A 49 9.38 -14.06 -25.02
C SER A 49 10.62 -13.24 -24.60
N GLU A 50 10.67 -12.84 -23.31
CA GLU A 50 11.90 -12.29 -22.74
C GLU A 50 13.01 -13.33 -22.70
N GLN A 51 12.67 -14.61 -22.43
CA GLN A 51 13.70 -15.63 -22.38
C GLN A 51 14.43 -15.77 -23.72
N ASN A 52 13.70 -15.70 -24.83
CA ASN A 52 14.32 -15.66 -26.16
C ASN A 52 15.37 -14.56 -26.28
N LEU A 53 15.06 -13.37 -25.76
CA LEU A 53 16.05 -12.30 -25.81
C LEU A 53 17.22 -12.60 -24.86
N VAL A 54 16.94 -13.04 -23.64
CA VAL A 54 18.00 -13.32 -22.67
C VAL A 54 18.97 -14.38 -23.23
N ASP A 55 18.44 -15.44 -23.85
CA ASP A 55 19.28 -16.54 -24.29
C ASP A 55 20.02 -16.25 -25.59
N CYS A 56 19.46 -15.41 -26.46
CA CYS A 56 19.85 -15.40 -27.87
C CYS A 56 20.48 -14.10 -28.35
N SER A 57 20.35 -12.97 -27.61
CA SER A 57 20.75 -11.67 -28.17
C SER A 57 22.13 -11.22 -27.69
N GLY A 58 22.96 -12.16 -27.22
CA GLY A 58 24.34 -11.84 -26.96
C GLY A 58 25.11 -11.27 -28.12
N PRO A 59 24.94 -11.78 -29.34
CA PRO A 59 25.72 -11.27 -30.48
C PRO A 59 25.46 -9.82 -30.76
N GLN A 60 24.32 -9.30 -30.33
CA GLN A 60 24.05 -7.89 -30.52
C GLN A 60 24.57 -7.05 -29.37
N GLY A 61 25.15 -7.66 -28.33
CA GLY A 61 25.72 -6.91 -27.20
C GLY A 61 25.08 -7.16 -25.85
N ASN A 62 23.94 -7.85 -25.78
CA ASN A 62 23.32 -8.12 -24.49
C ASN A 62 24.08 -9.17 -23.68
N GLU A 63 23.87 -9.14 -22.37
CA GLU A 63 24.61 -10.03 -21.48
C GLU A 63 23.66 -10.79 -20.56
N GLY A 64 22.51 -11.21 -21.08
CA GLY A 64 21.62 -12.05 -20.32
C GLY A 64 21.18 -11.43 -19.00
N CYS A 65 21.31 -12.19 -17.93
CA CYS A 65 20.94 -11.68 -16.60
C CYS A 65 21.95 -10.69 -16.04
N ASN A 66 23.05 -10.42 -16.75
CA ASN A 66 24.00 -9.40 -16.32
C ASN A 66 23.76 -8.07 -17.02
N GLY A 67 22.62 -7.90 -17.69
CA GLY A 67 22.28 -6.61 -18.23
C GLY A 67 22.24 -6.62 -19.75
N GLY A 68 21.76 -5.51 -20.29
CA GLY A 68 21.52 -5.41 -21.72
C GLY A 68 20.89 -4.07 -22.06
N LEU A 69 20.61 -3.89 -23.33
CA LEU A 69 19.97 -2.67 -23.83
C LEU A 69 18.82 -3.02 -24.75
N MET A 70 17.77 -2.19 -24.68
CA MET A 70 16.60 -2.45 -25.53
C MET A 70 16.96 -2.31 -27.01
N ASP A 71 17.82 -1.35 -27.36
CA ASP A 71 18.18 -1.23 -28.77
C ASP A 71 18.89 -2.49 -29.28
N TYR A 72 19.72 -3.13 -28.44
CA TYR A 72 20.36 -4.39 -28.83
C TYR A 72 19.33 -5.48 -29.02
N ALA A 73 18.28 -5.49 -28.18
CA ALA A 73 17.20 -6.47 -28.39
C ALA A 73 16.45 -6.20 -29.69
N PHE A 74 16.12 -4.93 -30.00
CA PHE A 74 15.51 -4.64 -31.32
C PHE A 74 16.42 -5.03 -32.46
N GLN A 75 17.75 -4.86 -32.31
CA GLN A 75 18.66 -5.29 -33.37
C GLN A 75 18.67 -6.82 -33.54
N TYR A 76 18.59 -7.58 -32.43
CA TYR A 76 18.49 -9.04 -32.53
C TYR A 76 17.24 -9.48 -33.30
N VAL A 77 16.08 -8.89 -32.99
CA VAL A 77 14.87 -9.28 -33.69
C VAL A 77 15.02 -9.04 -35.18
N GLN A 78 15.66 -7.93 -35.57
CA GLN A 78 15.89 -7.62 -36.98
C GLN A 78 16.84 -8.66 -37.59
N ASP A 79 17.99 -8.84 -36.94
CA ASP A 79 19.00 -9.77 -37.46
C ASP A 79 18.44 -11.18 -37.58
N ASN A 80 17.69 -11.62 -36.57
CA ASN A 80 17.20 -12.99 -36.47
C ASN A 80 16.01 -13.25 -37.36
N GLY A 81 15.32 -12.18 -37.76
CA GLY A 81 14.08 -12.33 -38.50
C GLY A 81 12.91 -12.81 -37.69
N GLY A 82 12.89 -12.58 -36.37
CA GLY A 82 11.75 -13.02 -35.59
C GLY A 82 12.03 -13.07 -34.11
N LEU A 83 10.94 -13.26 -33.36
CA LEU A 83 10.96 -13.43 -31.90
C LEU A 83 9.78 -14.32 -31.51
N ASP A 84 10.06 -15.31 -30.66
CA ASP A 84 9.01 -16.24 -30.28
C ASP A 84 8.01 -15.63 -29.29
N SER A 85 6.85 -16.26 -29.24
CA SER A 85 5.85 -15.86 -28.26
C SER A 85 6.25 -16.30 -26.86
N GLU A 86 5.75 -15.56 -25.86
CA GLU A 86 5.89 -15.94 -24.47
C GLU A 86 5.40 -17.36 -24.21
N GLU A 87 4.21 -17.71 -24.75
CA GLU A 87 3.66 -19.04 -24.52
C GLU A 87 4.61 -20.13 -25.01
N SER A 88 5.24 -19.91 -26.16
CA SER A 88 6.08 -20.94 -26.77
C SER A 88 7.47 -21.01 -26.16
N TYR A 89 7.89 -19.96 -25.46
CA TYR A 89 9.29 -19.85 -25.01
C TYR A 89 9.25 -19.13 -23.67
N PRO A 90 8.80 -19.82 -22.62
CA PRO A 90 8.44 -19.13 -21.37
C PRO A 90 9.65 -18.68 -20.58
N TYR A 91 9.37 -17.80 -19.64
CA TYR A 91 10.43 -17.14 -18.88
C TYR A 91 10.90 -17.98 -17.72
N GLU A 92 12.21 -18.14 -17.59
CA GLU A 92 12.83 -18.96 -16.55
C GLU A 92 13.70 -18.19 -15.56
N ALA A 93 13.92 -16.88 -15.78
CA ALA A 93 14.67 -16.03 -14.84
C ALA A 93 16.13 -16.46 -14.68
N THR A 94 16.73 -17.06 -15.69
CA THR A 94 18.12 -17.47 -15.61
C THR A 94 18.57 -17.74 -17.05
N GLU A 95 19.86 -17.50 -17.32
CA GLU A 95 20.35 -17.60 -18.70
C GLU A 95 20.51 -19.07 -19.12
N GLU A 96 20.03 -19.40 -20.31
CA GLU A 96 20.21 -20.73 -20.88
C GLU A 96 20.63 -20.61 -22.34
N SER A 97 20.93 -21.73 -23.00
CA SER A 97 21.29 -21.61 -24.40
C SER A 97 20.07 -21.23 -25.26
N CYS A 98 20.36 -20.72 -26.44
N CYS A 98 20.37 -20.74 -26.44
CA CYS A 98 19.32 -20.23 -27.33
CA CYS A 98 19.32 -20.24 -27.35
C CYS A 98 18.52 -21.37 -27.93
C CYS A 98 18.49 -21.37 -27.94
N LYS A 99 17.18 -21.27 -27.84
N LYS A 99 17.15 -21.26 -27.83
CA LYS A 99 16.27 -22.28 -28.39
CA LYS A 99 16.21 -22.26 -28.34
C LYS A 99 15.19 -21.62 -29.25
C LYS A 99 15.19 -21.62 -29.26
N TYR A 100 15.53 -20.51 -29.91
CA TYR A 100 14.65 -19.89 -30.88
C TYR A 100 14.13 -20.89 -31.89
N ASN A 101 12.82 -20.89 -32.08
CA ASN A 101 12.19 -21.74 -33.10
C ASN A 101 11.39 -20.83 -34.04
N PRO A 102 11.73 -20.74 -35.32
CA PRO A 102 10.95 -19.82 -36.19
C PRO A 102 9.50 -20.22 -36.37
N LYS A 103 9.14 -21.48 -36.10
CA LYS A 103 7.74 -21.91 -36.18
C LYS A 103 6.86 -21.09 -35.24
N TYR A 104 7.43 -20.64 -34.12
CA TYR A 104 6.64 -19.96 -33.11
C TYR A 104 6.92 -18.46 -33.08
N SER A 105 7.58 -17.93 -34.10
CA SER A 105 7.83 -16.49 -34.15
C SER A 105 6.54 -15.75 -34.40
N VAL A 106 6.30 -14.68 -33.64
CA VAL A 106 5.08 -13.91 -33.81
C VAL A 106 5.37 -12.42 -33.96
N ALA A 107 6.64 -12.02 -34.01
CA ALA A 107 6.99 -10.60 -34.14
C ALA A 107 8.22 -10.46 -35.02
N ASN A 108 8.40 -9.25 -35.56
CA ASN A 108 9.63 -8.91 -36.28
CA ASN A 108 9.55 -8.89 -36.38
C ASN A 108 9.79 -7.40 -36.21
N ASP A 109 10.98 -6.95 -36.53
CA ASP A 109 11.19 -5.51 -36.66
C ASP A 109 12.33 -5.28 -37.64
N ALA A 110 12.39 -4.04 -38.12
CA ALA A 110 13.34 -3.66 -39.14
C ALA A 110 14.34 -2.63 -38.62
N GLY A 111 14.61 -2.66 -37.33
CA GLY A 111 15.47 -1.67 -36.70
C GLY A 111 14.71 -0.91 -35.62
N PHE A 112 15.21 0.28 -35.29
CA PHE A 112 14.67 1.03 -34.17
C PHE A 112 14.93 2.51 -34.38
N VAL A 113 14.24 3.31 -33.57
CA VAL A 113 14.36 4.76 -33.57
C VAL A 113 14.74 5.19 -32.16
N ASP A 114 15.82 5.96 -32.06
CA ASP A 114 16.23 6.60 -30.81
C ASP A 114 15.62 7.99 -30.74
N ILE A 115 14.95 8.29 -29.63
CA ILE A 115 14.25 9.57 -29.48
C ILE A 115 15.21 10.65 -28.98
N PRO A 116 15.12 11.89 -29.48
CA PRO A 116 15.95 12.97 -28.91
C PRO A 116 15.81 13.03 -27.40
N LYS A 117 16.87 13.50 -26.74
CA LYS A 117 17.02 13.33 -25.29
C LYS A 117 16.38 14.48 -24.53
N GLN A 118 15.06 14.61 -24.72
CA GLN A 118 14.31 15.54 -23.89
C GLN A 118 12.83 15.16 -23.86
N GLU A 119 12.14 15.67 -22.85
CA GLU A 119 10.80 15.17 -22.54
C GLU A 119 9.72 15.64 -23.51
N LYS A 120 9.91 16.77 -24.21
CA LYS A 120 8.92 17.15 -25.21
C LYS A 120 8.94 16.14 -26.36
N ALA A 121 10.13 15.70 -26.75
CA ALA A 121 10.24 14.71 -27.82
C ALA A 121 9.71 13.37 -27.35
N LEU A 122 10.03 13.00 -26.10
CA LEU A 122 9.47 11.76 -25.55
C LEU A 122 7.96 11.81 -25.55
N MET A 123 7.37 12.92 -25.13
CA MET A 123 5.91 12.97 -25.13
C MET A 123 5.34 12.83 -26.54
N LYS A 124 5.93 13.52 -27.51
CA LYS A 124 5.49 13.39 -28.90
C LYS A 124 5.53 11.94 -29.35
N ALA A 125 6.63 11.22 -29.02
CA ALA A 125 6.71 9.82 -29.45
C ALA A 125 5.65 8.96 -28.76
N VAL A 126 5.44 9.16 -27.44
CA VAL A 126 4.43 8.36 -26.74
C VAL A 126 3.08 8.62 -27.36
N ALA A 127 2.81 9.88 -27.71
CA ALA A 127 1.48 10.21 -28.25
C ALA A 127 1.28 9.66 -29.66
N THR A 128 2.34 9.60 -30.48
CA THR A 128 2.19 9.26 -31.90
C THR A 128 2.57 7.84 -32.26
N VAL A 129 3.33 7.16 -31.42
CA VAL A 129 3.89 5.86 -31.75
C VAL A 129 3.23 4.75 -30.94
N GLY A 130 3.17 4.90 -29.62
CA GLY A 130 2.76 3.83 -28.74
C GLY A 130 3.71 3.79 -27.56
N PRO A 131 3.66 2.71 -26.78
CA PRO A 131 4.59 2.58 -25.65
C PRO A 131 6.06 2.64 -26.07
N ILE A 132 6.88 3.28 -25.23
CA ILE A 132 8.27 3.61 -25.55
C ILE A 132 9.19 2.98 -24.51
N SER A 133 10.23 2.28 -24.96
CA SER A 133 11.24 1.76 -24.05
C SER A 133 12.08 2.92 -23.52
N VAL A 134 12.33 2.92 -22.21
CA VAL A 134 13.15 3.96 -21.59
C VAL A 134 14.04 3.34 -20.51
N ALA A 135 15.14 4.04 -20.19
CA ALA A 135 15.97 3.68 -19.07
C ALA A 135 15.83 4.76 -18.00
N ILE A 136 15.81 4.34 -16.75
CA ILE A 136 15.68 5.26 -15.60
C ILE A 136 16.70 4.91 -14.54
N ASP A 137 16.98 5.91 -13.65
CA ASP A 137 17.69 5.70 -12.39
C ASP A 137 16.67 5.18 -11.39
N ALA A 138 16.66 3.86 -11.17
CA ALA A 138 15.81 3.21 -10.19
C ALA A 138 16.54 2.85 -8.91
N GLY A 139 17.78 3.33 -8.75
CA GLY A 139 18.68 2.83 -7.73
C GLY A 139 18.55 3.50 -6.39
N HIS A 140 17.32 3.59 -5.89
CA HIS A 140 17.03 4.17 -4.57
C HIS A 140 15.97 3.35 -3.86
N GLU A 141 16.07 3.30 -2.54
CA GLU A 141 15.07 2.56 -1.77
C GLU A 141 13.68 3.16 -1.96
N SER A 142 13.60 4.46 -2.22
CA SER A 142 12.29 5.07 -2.46
C SER A 142 11.59 4.39 -3.63
N PHE A 143 12.36 3.91 -4.61
CA PHE A 143 11.75 3.27 -5.78
C PHE A 143 11.27 1.87 -5.42
N LEU A 144 12.09 1.15 -4.63
CA LEU A 144 11.67 -0.16 -4.14
C LEU A 144 10.36 -0.09 -3.41
N PHE A 145 10.21 0.93 -2.55
CA PHE A 145 9.07 1.03 -1.65
C PHE A 145 7.91 1.82 -2.20
N TYR A 146 7.99 2.30 -3.44
CA TYR A 146 6.93 3.13 -4.01
C TYR A 146 5.56 2.44 -3.96
N LYS A 147 4.53 3.17 -3.50
CA LYS A 147 3.14 2.68 -3.42
C LYS A 147 2.16 3.37 -4.36
N GLU A 148 2.24 4.69 -4.46
CA GLU A 148 1.24 5.44 -5.22
C GLU A 148 1.75 6.86 -5.40
N GLY A 149 1.01 7.64 -6.21
CA GLY A 149 1.35 9.04 -6.43
C GLY A 149 2.49 9.20 -7.43
N ILE A 150 3.00 10.43 -7.55
CA ILE A 150 4.01 10.75 -8.54
C ILE A 150 5.39 10.66 -7.88
N TYR A 151 6.19 9.77 -8.42
CA TYR A 151 7.51 9.47 -7.87
C TYR A 151 8.44 10.61 -8.18
N PHE A 152 9.06 11.18 -7.13
CA PHE A 152 10.10 12.19 -7.29
C PHE A 152 11.17 11.89 -6.26
N GLU A 153 12.39 11.70 -6.72
CA GLU A 153 13.49 11.35 -5.82
C GLU A 153 14.57 12.42 -5.90
N PRO A 154 14.81 13.17 -4.82
CA PRO A 154 15.86 14.21 -4.88
C PRO A 154 17.19 13.76 -5.43
N ASP A 155 17.61 12.53 -5.14
CA ASP A 155 18.92 12.09 -5.58
C ASP A 155 18.89 11.35 -6.94
N CYS A 156 17.79 11.47 -7.68
CA CYS A 156 17.75 10.81 -8.99
C CYS A 156 18.70 11.47 -9.96
N SER A 157 19.33 10.64 -10.79
CA SER A 157 20.25 11.10 -11.82
C SER A 157 19.61 11.04 -13.19
N SER A 158 19.89 12.06 -14.01
N SER A 158 19.91 12.04 -14.02
CA SER A 158 19.46 12.07 -15.40
CA SER A 158 19.46 12.05 -15.41
C SER A 158 20.52 11.53 -16.34
C SER A 158 20.50 11.46 -16.34
N GLU A 159 21.65 11.10 -15.80
CA GLU A 159 22.78 10.62 -16.59
C GLU A 159 23.10 9.17 -16.36
N ASP A 160 22.80 8.63 -15.18
CA ASP A 160 23.25 7.31 -14.76
C ASP A 160 22.03 6.43 -14.50
N MET A 161 21.54 5.81 -15.55
CA MET A 161 20.34 5.00 -15.46
C MET A 161 20.78 3.55 -15.31
N ASP A 162 19.95 2.74 -14.66
CA ASP A 162 20.30 1.37 -14.36
C ASP A 162 19.15 0.41 -14.59
N HIS A 163 18.02 0.86 -15.09
CA HIS A 163 16.85 -0.01 -15.11
C HIS A 163 16.00 0.34 -16.31
N GLY A 164 15.61 -0.66 -17.11
CA GLY A 164 14.79 -0.42 -18.29
C GLY A 164 13.34 -0.72 -18.00
N VAL A 165 12.46 0.17 -18.47
CA VAL A 165 11.02 0.08 -18.22
C VAL A 165 10.29 0.58 -19.44
N LEU A 166 8.96 0.73 -19.36
CA LEU A 166 8.15 1.01 -20.56
C LEU A 166 7.20 2.14 -20.23
N VAL A 167 7.28 3.23 -20.99
CA VAL A 167 6.31 4.32 -20.85
C VAL A 167 5.08 3.98 -21.68
N VAL A 168 3.94 3.87 -21.01
CA VAL A 168 2.67 3.55 -21.70
C VAL A 168 1.73 4.73 -21.77
N GLY A 169 2.09 5.88 -21.23
CA GLY A 169 1.27 7.06 -21.34
C GLY A 169 1.79 8.15 -20.41
N TYR A 170 0.94 9.13 -20.16
CA TYR A 170 1.32 10.24 -19.30
C TYR A 170 0.05 10.99 -18.96
N GLY A 171 0.16 11.92 -18.02
CA GLY A 171 -1.02 12.73 -17.71
C GLY A 171 -0.72 13.66 -16.54
N PHE A 172 -1.78 14.04 -15.82
CA PHE A 172 -1.59 14.95 -14.68
C PHE A 172 -2.57 14.61 -13.56
N GLU A 173 -2.16 14.91 -12.32
CA GLU A 173 -3.02 14.86 -11.13
C GLU A 173 -3.38 16.28 -10.72
N SER A 174 -4.43 16.39 -9.88
CA SER A 174 -4.84 17.70 -9.36
C SER A 174 -5.35 18.54 -10.53
N THR A 175 -5.50 19.84 -10.32
CA THR A 175 -5.92 20.69 -11.40
C THR A 175 -4.74 20.94 -12.33
N GLU A 176 -5.06 21.07 -13.62
CA GLU A 176 -4.03 21.18 -14.65
C GLU A 176 -3.04 22.29 -14.35
N SER A 177 -3.49 23.40 -13.78
CA SER A 177 -2.57 24.54 -13.69
C SER A 177 -1.48 24.32 -12.64
N ASP A 178 -1.60 23.28 -11.81
CA ASP A 178 -0.55 22.97 -10.84
C ASP A 178 0.67 22.32 -11.51
N ASN A 179 0.53 21.85 -12.76
CA ASN A 179 1.62 21.17 -13.45
C ASN A 179 2.14 19.97 -12.66
N ASN A 180 1.19 19.23 -12.08
CA ASN A 180 1.47 18.00 -11.36
C ASN A 180 1.42 16.83 -12.33
N LYS A 181 2.48 16.72 -13.12
CA LYS A 181 2.51 15.88 -14.31
C LYS A 181 3.30 14.61 -14.08
N TYR A 182 2.93 13.56 -14.81
CA TYR A 182 3.62 12.29 -14.65
C TYR A 182 3.68 11.52 -15.96
N TRP A 183 4.69 10.65 -16.03
CA TRP A 183 4.78 9.56 -17.00
C TRP A 183 4.17 8.30 -16.39
N LEU A 184 3.35 7.58 -17.16
CA LEU A 184 2.78 6.32 -16.70
C LEU A 184 3.70 5.18 -17.16
N VAL A 185 4.29 4.46 -16.20
CA VAL A 185 5.40 3.54 -16.47
C VAL A 185 5.06 2.14 -16.00
N LYS A 186 5.22 1.18 -16.91
CA LYS A 186 5.05 -0.25 -16.61
C LYS A 186 6.40 -0.82 -16.19
N ASN A 187 6.44 -1.41 -14.99
CA ASN A 187 7.65 -2.05 -14.52
C ASN A 187 7.52 -3.56 -14.72
N SER A 188 8.60 -4.28 -14.47
CA SER A 188 8.63 -5.74 -14.61
C SER A 188 8.99 -6.43 -13.28
N TRP A 189 8.45 -5.95 -12.17
CA TRP A 189 8.71 -6.49 -10.84
C TRP A 189 7.44 -7.11 -10.25
N GLY A 190 6.48 -7.49 -11.11
CA GLY A 190 5.25 -8.07 -10.62
C GLY A 190 4.22 -7.04 -10.17
N GLU A 191 2.97 -7.51 -10.03
CA GLU A 191 1.90 -6.56 -9.73
C GLU A 191 1.87 -6.17 -8.26
N GLU A 192 2.61 -6.86 -7.39
CA GLU A 192 2.66 -6.46 -5.99
C GLU A 192 3.55 -5.27 -5.73
N TRP A 193 4.49 -4.98 -6.64
CA TRP A 193 5.26 -3.75 -6.57
C TRP A 193 4.45 -2.54 -7.05
N GLY A 194 4.61 -1.39 -6.36
CA GLY A 194 3.99 -0.21 -6.94
C GLY A 194 2.48 -0.25 -6.97
N MET A 195 1.92 0.43 -7.98
N MET A 195 1.93 0.37 -8.01
CA MET A 195 0.47 0.49 -8.22
CA MET A 195 0.48 0.48 -8.22
C MET A 195 0.15 -0.61 -9.22
C MET A 195 0.07 -0.60 -9.22
N GLY A 196 -0.12 -1.80 -8.71
CA GLY A 196 -0.36 -2.92 -9.59
C GLY A 196 0.77 -3.17 -10.57
N GLY A 197 1.99 -2.80 -10.16
CA GLY A 197 3.14 -2.98 -11.02
C GLY A 197 3.53 -1.78 -11.87
N TYR A 198 2.77 -0.69 -11.79
CA TYR A 198 2.99 0.57 -12.50
C TYR A 198 3.52 1.62 -11.53
N VAL A 199 4.16 2.64 -12.09
CA VAL A 199 4.61 3.81 -11.33
C VAL A 199 4.36 5.04 -12.17
N LYS A 200 3.87 6.10 -11.51
CA LYS A 200 3.78 7.41 -12.16
C LYS A 200 5.08 8.13 -11.81
N MET A 201 5.82 8.57 -12.81
N MET A 201 5.87 8.49 -12.82
CA MET A 201 7.14 9.17 -12.59
CA MET A 201 7.17 9.13 -12.67
C MET A 201 7.15 10.64 -12.96
C MET A 201 7.07 10.65 -12.92
N ALA A 202 7.83 11.45 -12.15
CA ALA A 202 7.80 12.91 -12.35
C ALA A 202 8.10 13.31 -13.79
N LYS A 203 7.23 14.17 -14.37
CA LYS A 203 7.33 14.62 -15.76
C LYS A 203 7.58 16.13 -15.82
N ASP A 204 8.42 16.54 -16.78
CA ASP A 204 8.69 17.95 -17.10
C ASP A 204 9.38 18.63 -15.90
N ARG A 205 10.25 17.86 -15.27
CA ARG A 205 11.18 18.41 -14.27
C ARG A 205 12.62 18.17 -14.74
N ARG A 206 12.94 18.63 -15.95
CA ARG A 206 14.27 18.48 -16.54
C ARG A 206 14.76 17.04 -16.46
N ASN A 207 13.94 16.13 -17.00
CA ASN A 207 14.38 14.76 -17.31
C ASN A 207 14.70 13.99 -16.02
N HIS A 208 13.75 14.03 -15.08
CA HIS A 208 13.91 13.39 -13.78
C HIS A 208 14.19 11.89 -13.91
N CYS A 209 15.23 11.43 -13.22
CA CYS A 209 15.68 10.04 -13.26
C CYS A 209 16.12 9.59 -14.65
N GLY A 210 16.33 10.52 -15.61
CA GLY A 210 16.87 10.16 -16.90
C GLY A 210 15.88 9.53 -17.85
N ILE A 211 14.57 9.68 -17.62
CA ILE A 211 13.58 8.93 -18.39
C ILE A 211 13.63 9.23 -19.90
N ALA A 212 14.08 10.42 -20.30
CA ALA A 212 14.19 10.76 -21.71
C ALA A 212 15.62 10.57 -22.27
N SER A 213 16.55 10.04 -21.46
CA SER A 213 17.96 9.98 -21.83
C SER A 213 18.28 8.82 -22.79
N ALA A 214 17.50 7.74 -22.75
CA ALA A 214 17.79 6.54 -23.57
C ALA A 214 16.47 5.88 -23.98
N ALA A 215 15.63 6.66 -24.66
CA ALA A 215 14.29 6.25 -25.05
C ALA A 215 14.28 5.82 -26.52
N SER A 216 13.58 4.73 -26.83
CA SER A 216 13.58 4.20 -28.19
C SER A 216 12.38 3.30 -28.40
N TYR A 217 12.16 2.94 -29.67
CA TYR A 217 11.14 1.97 -29.98
C TYR A 217 11.51 1.25 -31.28
N PRO A 218 10.92 0.08 -31.53
CA PRO A 218 11.27 -0.69 -32.73
C PRO A 218 10.45 -0.25 -33.92
N THR A 219 11.06 -0.35 -35.10
CA THR A 219 10.43 -0.04 -36.38
C THR A 219 9.83 -1.32 -36.93
N VAL A 220 8.51 -1.37 -37.05
CA VAL A 220 7.88 -2.57 -37.61
C VAL A 220 7.26 -2.28 -38.96
N ALA B 1 -10.21 -28.64 -13.06
CA ALA B 1 -9.88 -27.27 -13.41
C ALA B 1 -8.41 -27.02 -13.10
N PRO B 2 -7.79 -26.10 -13.85
CA PRO B 2 -6.39 -25.76 -13.56
C PRO B 2 -6.22 -25.24 -12.14
N ARG B 3 -4.94 -25.25 -11.70
CA ARG B 3 -4.65 -24.81 -10.34
C ARG B 3 -4.72 -23.31 -10.22
N SER B 4 -4.48 -22.58 -11.32
CA SER B 4 -4.64 -21.13 -11.30
C SER B 4 -5.11 -20.66 -12.67
N VAL B 5 -5.80 -19.52 -12.68
CA VAL B 5 -6.36 -18.91 -13.90
C VAL B 5 -6.21 -17.40 -13.79
N ASP B 6 -5.88 -16.74 -14.90
CA ASP B 6 -5.85 -15.28 -14.95
C ASP B 6 -6.28 -14.87 -16.36
N TRP B 7 -7.56 -14.50 -16.49
CA TRP B 7 -8.05 -14.18 -17.83
C TRP B 7 -7.45 -12.89 -18.38
N ARG B 8 -6.79 -12.05 -17.56
CA ARG B 8 -6.16 -10.87 -18.13
C ARG B 8 -5.09 -11.26 -19.14
N GLU B 9 -4.43 -12.41 -18.91
CA GLU B 9 -3.34 -12.79 -19.78
C GLU B 9 -3.86 -13.32 -21.11
N LYS B 10 -5.16 -13.60 -21.21
CA LYS B 10 -5.73 -14.10 -22.44
C LYS B 10 -6.48 -13.05 -23.24
N GLY B 11 -6.55 -11.79 -22.76
CA GLY B 11 -7.17 -10.74 -23.53
C GLY B 11 -8.63 -10.50 -23.21
N TYR B 12 -9.13 -11.07 -22.12
CA TYR B 12 -10.56 -10.97 -21.80
C TYR B 12 -10.95 -9.73 -20.99
N VAL B 13 -10.00 -8.95 -20.47
CA VAL B 13 -10.28 -7.98 -19.40
C VAL B 13 -9.77 -6.61 -19.79
N THR B 14 -10.65 -5.59 -19.72
CA THR B 14 -10.29 -4.18 -19.93
C THR B 14 -9.59 -3.63 -18.70
N PRO B 15 -8.92 -2.47 -18.84
CA PRO B 15 -8.31 -1.84 -17.66
C PRO B 15 -9.34 -1.54 -16.58
N VAL B 16 -8.82 -1.32 -15.36
CA VAL B 16 -9.65 -0.94 -14.21
C VAL B 16 -10.29 0.43 -14.45
N LYS B 17 -11.58 0.53 -14.09
CA LYS B 17 -12.43 1.70 -14.26
C LYS B 17 -12.78 2.25 -12.88
N ASN B 18 -13.48 3.39 -12.85
CA ASN B 18 -13.79 4.02 -11.57
C ASN B 18 -15.23 4.51 -11.62
N GLN B 19 -16.08 3.88 -10.82
CA GLN B 19 -17.48 4.27 -10.79
C GLN B 19 -17.68 5.62 -10.13
N GLY B 20 -16.66 6.17 -9.46
CA GLY B 20 -16.89 7.47 -8.82
C GLY B 20 -17.85 7.39 -7.64
N GLN B 21 -18.57 8.50 -7.40
CA GLN B 21 -19.51 8.57 -6.28
C GLN B 21 -20.91 8.32 -6.77
N CYS B 22 -21.05 7.13 -7.32
CA CYS B 22 -22.29 6.64 -7.90
C CYS B 22 -22.37 5.16 -7.55
N GLY B 23 -23.56 4.68 -7.13
CA GLY B 23 -23.73 3.29 -6.66
C GLY B 23 -23.98 2.39 -7.86
N SER B 24 -23.05 2.44 -8.79
CA SER B 24 -23.18 1.77 -10.08
C SER B 24 -22.26 0.56 -10.21
N CYS B 25 -21.82 -0.01 -9.08
CA CYS B 25 -20.92 -1.18 -9.12
C CYS B 25 -21.51 -2.30 -9.98
N TRP B 26 -22.84 -2.47 -9.91
CA TRP B 26 -23.51 -3.52 -10.68
C TRP B 26 -23.29 -3.35 -12.20
N ALA B 27 -23.20 -2.11 -12.67
CA ALA B 27 -23.01 -1.83 -14.08
C ALA B 27 -21.57 -2.14 -14.53
N PHE B 28 -20.59 -1.84 -13.66
CA PHE B 28 -19.21 -2.20 -13.97
C PHE B 28 -19.01 -3.70 -13.90
N SER B 29 -19.61 -4.38 -12.93
CA SER B 29 -19.49 -5.83 -12.89
C SER B 29 -20.11 -6.43 -14.14
N ALA B 30 -21.26 -5.93 -14.53
CA ALA B 30 -21.93 -6.46 -15.73
C ALA B 30 -21.14 -6.18 -17.01
N THR B 31 -20.65 -4.96 -17.20
CA THR B 31 -19.84 -4.75 -18.43
C THR B 31 -18.58 -5.62 -18.42
N GLY B 32 -17.95 -5.83 -17.26
CA GLY B 32 -16.79 -6.70 -17.25
C GLY B 32 -17.11 -8.12 -17.70
N ALA B 33 -18.24 -8.67 -17.21
CA ALA B 33 -18.60 -10.03 -17.62
C ALA B 33 -18.96 -10.08 -19.10
N LEU B 34 -19.68 -9.08 -19.61
CA LEU B 34 -20.05 -9.06 -21.03
C LEU B 34 -18.84 -8.77 -21.93
N GLU B 35 -17.89 -7.91 -21.48
CA GLU B 35 -16.63 -7.72 -22.19
C GLU B 35 -15.93 -9.06 -22.37
N GLY B 36 -15.93 -9.89 -21.33
CA GLY B 36 -15.27 -11.19 -21.42
C GLY B 36 -15.99 -12.15 -22.35
N GLN B 37 -17.31 -12.22 -22.27
CA GLN B 37 -18.02 -13.18 -23.13
C GLN B 37 -18.03 -12.70 -24.58
N MET B 38 -18.05 -11.38 -24.81
CA MET B 38 -17.94 -10.92 -26.17
C MET B 38 -16.57 -11.25 -26.76
N PHE B 39 -15.51 -11.08 -25.97
CA PHE B 39 -14.19 -11.50 -26.42
C PHE B 39 -14.15 -13.00 -26.72
N ARG B 40 -14.73 -13.82 -25.85
CA ARG B 40 -14.78 -15.26 -26.08
C ARG B 40 -15.41 -15.56 -27.44
N LYS B 41 -16.50 -14.85 -27.76
CA LYS B 41 -17.30 -15.11 -28.97
C LYS B 41 -16.67 -14.52 -30.23
N THR B 42 -16.03 -13.34 -30.13
CA THR B 42 -15.61 -12.63 -31.34
C THR B 42 -14.11 -12.46 -31.46
N GLY B 43 -13.36 -12.66 -30.39
CA GLY B 43 -11.94 -12.37 -30.42
C GLY B 43 -11.59 -10.89 -30.31
N ARG B 44 -12.55 -10.04 -30.03
CA ARG B 44 -12.33 -8.62 -29.87
C ARG B 44 -12.74 -8.17 -28.48
N LEU B 45 -11.85 -7.44 -27.81
CA LEU B 45 -12.13 -6.80 -26.51
C LEU B 45 -12.51 -5.34 -26.77
N ILE B 46 -13.77 -4.99 -26.46
CA ILE B 46 -14.26 -3.63 -26.65
C ILE B 46 -14.87 -3.19 -25.32
N SER B 47 -14.36 -2.10 -24.76
CA SER B 47 -14.89 -1.57 -23.53
C SER B 47 -16.34 -1.10 -23.72
N LEU B 48 -17.21 -1.48 -22.78
CA LEU B 48 -18.65 -1.28 -22.87
C LEU B 48 -19.13 -0.18 -21.94
N SER B 49 -20.31 0.37 -22.26
CA SER B 49 -20.80 1.59 -21.62
C SER B 49 -21.56 1.29 -20.34
N GLU B 50 -20.97 1.61 -19.18
CA GLU B 50 -21.76 1.55 -17.96
C GLU B 50 -22.83 2.64 -17.91
N GLN B 51 -22.55 3.81 -18.49
CA GLN B 51 -23.56 4.87 -18.51
C GLN B 51 -24.83 4.44 -19.24
N ASN B 52 -24.67 3.71 -20.36
CA ASN B 52 -25.81 3.13 -21.05
C ASN B 52 -26.66 2.31 -20.09
N LEU B 53 -26.02 1.49 -19.25
CA LEU B 53 -26.80 0.70 -18.27
C LEU B 53 -27.44 1.57 -17.19
N VAL B 54 -26.68 2.52 -16.65
CA VAL B 54 -27.22 3.38 -15.60
C VAL B 54 -28.44 4.15 -16.10
N ASP B 55 -28.38 4.67 -17.33
CA ASP B 55 -29.44 5.53 -17.85
C ASP B 55 -30.65 4.75 -18.33
N CYS B 56 -30.46 3.52 -18.80
CA CYS B 56 -31.44 2.85 -19.67
C CYS B 56 -32.05 1.57 -19.10
N SER B 57 -31.51 0.99 -18.04
CA SER B 57 -31.93 -0.35 -17.65
C SER B 57 -32.85 -0.33 -16.43
N GLY B 58 -33.45 0.83 -16.12
CA GLY B 58 -34.50 0.85 -15.12
C GLY B 58 -35.67 -0.08 -15.39
N PRO B 59 -36.10 -0.25 -16.64
CA PRO B 59 -37.21 -1.17 -16.91
C PRO B 59 -36.93 -2.62 -16.49
N GLN B 60 -35.65 -3.00 -16.41
CA GLN B 60 -35.31 -4.35 -15.99
C GLN B 60 -35.06 -4.47 -14.49
N GLY B 61 -35.14 -3.37 -13.74
CA GLY B 61 -35.07 -3.43 -12.30
C GLY B 61 -33.96 -2.60 -11.72
N ASN B 62 -33.11 -1.98 -12.55
CA ASN B 62 -31.96 -1.26 -12.01
C ASN B 62 -32.38 0.16 -11.58
N GLU B 63 -31.59 0.73 -10.66
CA GLU B 63 -31.91 2.02 -10.05
C GLU B 63 -30.74 2.99 -10.16
N GLY B 64 -30.01 2.93 -11.29
CA GLY B 64 -28.98 3.94 -11.58
C GLY B 64 -27.91 3.97 -10.52
N CYS B 65 -27.64 5.16 -9.97
CA CYS B 65 -26.67 5.32 -8.89
C CYS B 65 -27.17 4.87 -7.53
N ASN B 66 -28.42 4.41 -7.46
CA ASN B 66 -29.02 3.91 -6.25
C ASN B 66 -29.03 2.39 -6.19
N GLY B 67 -28.26 1.72 -7.05
CA GLY B 67 -28.07 0.28 -6.96
C GLY B 67 -28.70 -0.45 -8.13
N GLY B 68 -28.40 -1.74 -8.20
CA GLY B 68 -28.89 -2.53 -9.33
C GLY B 68 -28.26 -3.91 -9.22
N LEU B 69 -28.54 -4.73 -10.25
CA LEU B 69 -28.03 -6.09 -10.24
C LEU B 69 -27.50 -6.43 -11.62
N MET B 70 -26.40 -7.20 -11.64
CA MET B 70 -25.84 -7.62 -12.92
C MET B 70 -26.83 -8.38 -13.76
N ASP B 71 -27.64 -9.25 -13.17
CA ASP B 71 -28.59 -9.99 -14.00
C ASP B 71 -29.58 -9.08 -14.68
N TYR B 72 -30.02 -7.99 -14.00
CA TYR B 72 -30.92 -7.03 -14.62
C TYR B 72 -30.25 -6.33 -15.79
N ALA B 73 -28.95 -6.06 -15.68
CA ALA B 73 -28.20 -5.47 -16.80
C ALA B 73 -28.09 -6.46 -17.96
N PHE B 74 -27.88 -7.74 -17.67
CA PHE B 74 -27.83 -8.71 -18.77
C PHE B 74 -29.20 -8.85 -19.43
N GLN B 75 -30.28 -8.72 -18.64
CA GLN B 75 -31.63 -8.73 -19.23
C GLN B 75 -31.88 -7.52 -20.12
N TYR B 76 -31.43 -6.33 -19.69
CA TYR B 76 -31.54 -5.13 -20.53
C TYR B 76 -30.89 -5.34 -21.91
N VAL B 77 -29.67 -5.88 -21.93
CA VAL B 77 -28.98 -5.98 -23.22
C VAL B 77 -29.77 -6.90 -24.15
N GLN B 78 -30.33 -7.97 -23.60
CA GLN B 78 -31.16 -8.86 -24.42
C GLN B 78 -32.42 -8.16 -24.90
N ASP B 79 -33.16 -7.54 -23.96
CA ASP B 79 -34.40 -6.82 -24.33
C ASP B 79 -34.13 -5.73 -25.35
N ASN B 80 -33.04 -5.01 -25.18
CA ASN B 80 -32.73 -3.83 -25.97
C ASN B 80 -32.15 -4.16 -27.33
N GLY B 81 -31.63 -5.38 -27.49
CA GLY B 81 -30.98 -5.73 -28.73
C GLY B 81 -29.56 -5.21 -28.88
N GLY B 82 -28.94 -4.71 -27.82
CA GLY B 82 -27.59 -4.19 -27.96
C GLY B 82 -27.16 -3.38 -26.76
N LEU B 83 -25.89 -2.99 -26.78
CA LEU B 83 -25.27 -2.16 -25.74
C LEU B 83 -24.16 -1.37 -26.40
N ASP B 84 -24.12 -0.05 -26.12
CA ASP B 84 -23.15 0.82 -26.77
C ASP B 84 -21.75 0.65 -26.16
N SER B 85 -20.74 0.97 -26.97
CA SER B 85 -19.36 1.00 -26.50
C SER B 85 -19.14 2.14 -25.52
N GLU B 86 -18.16 1.95 -24.61
CA GLU B 86 -17.71 3.01 -23.72
C GLU B 86 -17.34 4.26 -24.50
N GLU B 87 -16.60 4.09 -25.60
CA GLU B 87 -16.19 5.25 -26.42
C GLU B 87 -17.39 6.08 -26.88
N SER B 88 -18.47 5.41 -27.30
CA SER B 88 -19.63 6.10 -27.86
C SER B 88 -20.53 6.72 -26.79
N TYR B 89 -20.45 6.23 -25.56
CA TYR B 89 -21.43 6.59 -24.52
C TYR B 89 -20.66 6.66 -23.21
N PRO B 90 -19.89 7.71 -23.00
CA PRO B 90 -18.90 7.71 -21.91
C PRO B 90 -19.54 7.88 -20.54
N TYR B 91 -18.73 7.58 -19.54
CA TYR B 91 -19.25 7.47 -18.19
C TYR B 91 -19.28 8.84 -17.51
N GLU B 92 -20.42 9.16 -16.89
CA GLU B 92 -20.65 10.47 -16.28
C GLU B 92 -20.82 10.43 -14.76
N ALA B 93 -21.00 9.25 -14.15
CA ALA B 93 -21.11 9.06 -12.69
C ALA B 93 -22.37 9.71 -12.10
N THR B 94 -23.42 9.83 -12.90
CA THR B 94 -24.68 10.39 -12.45
C THR B 94 -25.75 9.90 -13.45
N GLU B 95 -26.98 9.72 -12.98
CA GLU B 95 -28.04 9.20 -13.84
C GLU B 95 -28.59 10.32 -14.73
N GLU B 96 -28.74 10.04 -16.03
CA GLU B 96 -29.30 10.92 -17.05
C GLU B 96 -30.32 10.13 -17.85
N SER B 97 -31.05 10.83 -18.72
CA SER B 97 -31.98 10.10 -19.59
C SER B 97 -31.21 9.23 -20.59
N CYS B 98 -31.87 8.16 -21.02
N CYS B 98 -31.87 8.17 -21.02
CA CYS B 98 -31.25 7.19 -21.90
CA CYS B 98 -31.25 7.19 -21.91
C CYS B 98 -30.92 7.79 -23.26
C CYS B 98 -30.91 7.82 -23.25
N LYS B 99 -29.67 7.59 -23.71
CA LYS B 99 -29.21 8.08 -24.99
C LYS B 99 -28.69 6.95 -25.88
N TYR B 100 -29.15 5.74 -25.62
CA TYR B 100 -28.75 4.60 -26.42
C TYR B 100 -28.95 4.86 -27.90
N ASN B 101 -27.93 4.50 -28.68
CA ASN B 101 -27.97 4.62 -30.13
C ASN B 101 -27.58 3.27 -30.71
N PRO B 102 -28.45 2.59 -31.47
CA PRO B 102 -28.09 1.24 -31.95
C PRO B 102 -26.95 1.23 -32.95
N LYS B 103 -26.68 2.36 -33.60
CA LYS B 103 -25.58 2.39 -34.56
C LYS B 103 -24.26 2.08 -33.88
N TYR B 104 -24.15 2.35 -32.57
CA TYR B 104 -22.92 2.18 -31.83
C TYR B 104 -22.94 0.94 -30.91
N SER B 105 -23.91 0.05 -31.08
CA SER B 105 -23.96 -1.14 -30.26
C SER B 105 -22.83 -2.09 -30.67
N VAL B 106 -22.11 -2.63 -29.69
CA VAL B 106 -21.00 -3.52 -29.96
C VAL B 106 -21.12 -4.82 -29.18
N ALA B 107 -22.23 -5.02 -28.46
CA ALA B 107 -22.38 -6.24 -27.66
C ALA B 107 -23.85 -6.63 -27.61
N ASN B 108 -24.12 -7.92 -27.33
CA ASN B 108 -25.48 -8.41 -27.21
C ASN B 108 -25.43 -9.68 -26.36
N ASP B 109 -26.59 -10.13 -25.91
CA ASP B 109 -26.64 -11.41 -25.23
C ASP B 109 -28.04 -11.97 -25.36
N ALA B 110 -28.15 -13.24 -25.03
CA ALA B 110 -29.46 -13.90 -25.03
C ALA B 110 -29.77 -14.43 -23.65
N GLY B 111 -29.70 -13.54 -22.65
CA GLY B 111 -29.99 -13.94 -21.29
C GLY B 111 -28.76 -14.08 -20.42
N PHE B 112 -28.88 -14.89 -19.37
CA PHE B 112 -27.79 -15.01 -18.40
C PHE B 112 -27.92 -16.34 -17.66
N VAL B 113 -26.82 -16.70 -16.97
CA VAL B 113 -26.69 -17.93 -16.23
C VAL B 113 -26.39 -17.53 -14.78
N ASP B 114 -27.18 -18.03 -13.84
CA ASP B 114 -26.90 -17.96 -12.40
C ASP B 114 -26.21 -19.26 -11.97
N ILE B 115 -24.97 -19.16 -11.48
CA ILE B 115 -24.18 -20.31 -11.08
C ILE B 115 -24.69 -20.79 -9.72
N PRO B 116 -24.79 -22.09 -9.46
CA PRO B 116 -25.20 -22.51 -8.12
C PRO B 116 -24.22 -22.07 -7.03
N LYS B 117 -24.77 -22.00 -5.81
CA LYS B 117 -24.10 -21.38 -4.65
C LYS B 117 -23.08 -22.35 -4.03
N GLN B 118 -22.05 -22.67 -4.82
CA GLN B 118 -20.91 -23.46 -4.37
C GLN B 118 -19.63 -22.87 -4.94
N GLU B 119 -18.61 -22.71 -4.10
CA GLU B 119 -17.32 -22.26 -4.63
C GLU B 119 -16.73 -23.23 -5.65
N LYS B 120 -17.01 -24.54 -5.52
CA LYS B 120 -16.51 -25.47 -6.51
C LYS B 120 -17.13 -25.18 -7.88
N ALA B 121 -18.42 -24.82 -7.89
CA ALA B 121 -19.09 -24.45 -9.14
C ALA B 121 -18.54 -23.15 -9.69
N LEU B 122 -18.31 -22.17 -8.80
CA LEU B 122 -17.71 -20.90 -9.25
C LEU B 122 -16.33 -21.15 -9.84
N MET B 123 -15.53 -22.03 -9.21
CA MET B 123 -14.21 -22.32 -9.80
C MET B 123 -14.32 -22.91 -11.21
N LYS B 124 -15.24 -23.88 -11.41
CA LYS B 124 -15.43 -24.48 -12.73
C LYS B 124 -15.83 -23.43 -13.74
N ALA B 125 -16.73 -22.49 -13.33
CA ALA B 125 -17.17 -21.45 -14.24
C ALA B 125 -16.02 -20.51 -14.59
N VAL B 126 -15.24 -20.11 -13.60
CA VAL B 126 -14.13 -19.21 -13.89
C VAL B 126 -13.15 -19.89 -14.82
N ALA B 127 -12.94 -21.20 -14.62
CA ALA B 127 -11.98 -21.92 -15.46
C ALA B 127 -12.46 -22.14 -16.89
N THR B 128 -13.77 -22.28 -17.12
CA THR B 128 -14.22 -22.71 -18.44
C THR B 128 -15.09 -21.70 -19.16
N VAL B 129 -15.54 -20.63 -18.49
CA VAL B 129 -16.42 -19.62 -19.08
C VAL B 129 -15.65 -18.32 -19.36
N GLY B 130 -14.96 -17.83 -18.34
CA GLY B 130 -14.30 -16.53 -18.41
C GLY B 130 -14.59 -15.75 -17.13
N PRO B 131 -14.36 -14.44 -17.15
CA PRO B 131 -14.69 -13.61 -15.96
C PRO B 131 -16.15 -13.74 -15.58
N ILE B 132 -16.42 -13.73 -14.27
CA ILE B 132 -17.74 -13.99 -13.72
C ILE B 132 -18.13 -12.81 -12.84
N SER B 133 -19.34 -12.29 -13.04
CA SER B 133 -19.91 -11.29 -12.13
C SER B 133 -20.23 -11.91 -10.77
N VAL B 134 -19.85 -11.24 -9.68
CA VAL B 134 -20.19 -11.75 -8.35
C VAL B 134 -20.60 -10.61 -7.46
N ALA B 135 -21.38 -10.92 -6.42
CA ALA B 135 -21.68 -9.95 -5.37
C ALA B 135 -20.95 -10.35 -4.11
N ILE B 136 -20.43 -9.38 -3.36
CA ILE B 136 -19.70 -9.68 -2.13
C ILE B 136 -20.14 -8.70 -1.06
N ASP B 137 -19.92 -9.12 0.18
CA ASP B 137 -20.05 -8.23 1.36
C ASP B 137 -18.77 -7.40 1.44
N ALA B 138 -18.83 -6.16 0.95
CA ALA B 138 -17.74 -5.20 0.98
C ALA B 138 -17.97 -4.14 2.05
N GLY B 139 -18.94 -4.36 2.91
CA GLY B 139 -19.39 -3.33 3.85
C GLY B 139 -18.57 -3.26 5.11
N HIS B 140 -17.24 -3.41 5.00
CA HIS B 140 -16.31 -3.36 6.12
C HIS B 140 -15.15 -2.44 5.78
N GLU B 141 -14.69 -1.66 6.79
CA GLU B 141 -13.64 -0.72 6.47
C GLU B 141 -12.35 -1.42 6.06
N SER B 142 -12.14 -2.68 6.47
CA SER B 142 -11.01 -3.46 5.94
C SER B 142 -11.02 -3.56 4.41
N PHE B 143 -12.22 -3.64 3.80
CA PHE B 143 -12.27 -3.65 2.34
C PHE B 143 -11.97 -2.27 1.76
N LEU B 144 -12.50 -1.21 2.39
CA LEU B 144 -12.19 0.13 1.93
CA LEU B 144 -12.19 0.14 1.94
C LEU B 144 -10.68 0.39 1.94
N PHE B 145 -10.00 -0.10 2.95
CA PHE B 145 -8.59 0.20 3.18
C PHE B 145 -7.66 -0.83 2.57
N TYR B 146 -8.20 -1.85 1.89
CA TYR B 146 -7.36 -2.92 1.37
C TYR B 146 -6.27 -2.41 0.42
N LYS B 147 -5.07 -2.91 0.61
N LYS B 147 -5.06 -2.89 0.63
CA LYS B 147 -3.93 -2.50 -0.21
CA LYS B 147 -3.89 -2.51 -0.16
C LYS B 147 -3.26 -3.69 -0.89
C LYS B 147 -3.28 -3.70 -0.88
N GLU B 148 -3.01 -4.78 -0.16
CA GLU B 148 -2.28 -5.93 -0.70
C GLU B 148 -2.63 -7.17 0.10
N GLY B 149 -2.33 -8.35 -0.46
CA GLY B 149 -2.47 -9.59 0.29
C GLY B 149 -3.79 -10.30 0.04
N ILE B 150 -4.00 -11.38 0.80
CA ILE B 150 -5.24 -12.16 0.73
C ILE B 150 -6.26 -11.59 1.70
N TYR B 151 -7.33 -11.04 1.17
CA TYR B 151 -8.37 -10.42 1.97
C TYR B 151 -9.18 -11.46 2.71
N PHE B 152 -9.26 -11.33 4.04
CA PHE B 152 -10.11 -12.12 4.89
C PHE B 152 -10.60 -11.22 6.01
N GLU B 153 -11.91 -11.10 6.15
CA GLU B 153 -12.53 -10.23 7.14
C GLU B 153 -13.36 -11.13 8.04
N PRO B 154 -13.04 -11.29 9.32
CA PRO B 154 -13.80 -12.23 10.16
C PRO B 154 -15.26 -11.89 10.31
N ASP B 155 -15.64 -10.63 10.14
CA ASP B 155 -17.04 -10.22 10.22
C ASP B 155 -17.78 -10.32 8.88
N CYS B 156 -17.14 -10.85 7.83
CA CYS B 156 -17.82 -10.91 6.52
C CYS B 156 -19.01 -11.86 6.54
N SER B 157 -20.08 -11.46 5.86
CA SER B 157 -21.26 -12.30 5.73
C SER B 157 -21.20 -13.08 4.44
N SER B 158 -21.64 -14.34 4.51
N SER B 158 -21.60 -14.35 4.51
CA SER B 158 -21.69 -15.18 3.32
CA SER B 158 -21.67 -15.17 3.31
C SER B 158 -23.04 -15.10 2.64
C SER B 158 -23.04 -15.13 2.67
N GLU B 159 -23.99 -14.41 3.27
CA GLU B 159 -25.37 -14.36 2.80
C GLU B 159 -25.82 -12.99 2.34
N ASP B 160 -25.28 -11.91 2.91
CA ASP B 160 -25.77 -10.54 2.72
C ASP B 160 -24.68 -9.73 2.05
N MET B 161 -24.84 -9.47 0.76
CA MET B 161 -23.84 -8.82 -0.07
C MET B 161 -24.35 -7.45 -0.51
N ASP B 162 -23.42 -6.55 -0.76
CA ASP B 162 -23.75 -5.17 -1.12
C ASP B 162 -22.88 -4.57 -2.23
N HIS B 163 -22.01 -5.34 -2.88
CA HIS B 163 -21.13 -4.75 -3.88
C HIS B 163 -20.89 -5.77 -5.00
N GLY B 164 -21.03 -5.33 -6.25
CA GLY B 164 -20.79 -6.20 -7.41
C GLY B 164 -19.40 -5.97 -7.95
N VAL B 165 -18.68 -7.08 -8.21
CA VAL B 165 -17.30 -7.03 -8.70
C VAL B 165 -17.17 -8.14 -9.73
N LEU B 166 -15.93 -8.41 -10.17
CA LEU B 166 -15.69 -9.36 -11.27
C LEU B 166 -14.56 -10.31 -10.90
N VAL B 167 -14.84 -11.62 -10.90
CA VAL B 167 -13.79 -12.61 -10.72
C VAL B 167 -13.13 -12.85 -12.07
N VAL B 168 -11.83 -12.54 -12.16
CA VAL B 168 -11.09 -12.77 -13.38
C VAL B 168 -10.13 -13.95 -13.29
N GLY B 169 -10.05 -14.63 -12.15
CA GLY B 169 -9.10 -15.72 -12.02
C GLY B 169 -9.12 -16.24 -10.60
N TYR B 170 -8.16 -17.12 -10.31
CA TYR B 170 -7.94 -17.61 -8.95
C TYR B 170 -6.53 -18.16 -8.90
N GLY B 171 -6.01 -18.30 -7.69
CA GLY B 171 -4.67 -18.82 -7.52
C GLY B 171 -4.47 -19.36 -6.12
N PHE B 172 -3.18 -19.58 -5.81
CA PHE B 172 -2.83 -20.30 -4.61
C PHE B 172 -1.57 -19.69 -4.02
N GLU B 173 -1.29 -20.16 -2.81
CA GLU B 173 -0.12 -19.75 -2.03
C GLU B 173 1.12 -20.49 -2.51
N SER B 174 1.02 -21.82 -2.63
CA SER B 174 2.03 -22.64 -3.26
C SER B 174 1.35 -23.89 -3.80
N THR B 175 2.07 -24.61 -4.67
CA THR B 175 1.43 -25.69 -5.41
C THR B 175 0.86 -26.77 -4.51
N GLU B 176 1.41 -26.95 -3.30
CA GLU B 176 0.98 -28.06 -2.46
C GLU B 176 0.19 -27.62 -1.24
N SER B 177 -0.02 -26.33 -1.05
CA SER B 177 -0.67 -25.83 0.16
C SER B 177 -2.16 -25.60 -0.13
N ASP B 178 -3.00 -26.07 0.79
CA ASP B 178 -4.42 -25.71 0.77
C ASP B 178 -4.66 -24.31 1.31
N ASN B 179 -3.65 -23.67 1.90
CA ASN B 179 -3.84 -22.45 2.66
C ASN B 179 -3.84 -21.24 1.74
N ASN B 180 -4.72 -20.30 2.03
CA ASN B 180 -4.59 -18.99 1.44
C ASN B 180 -4.71 -19.05 -0.08
N LYS B 181 -5.66 -19.87 -0.55
CA LYS B 181 -6.07 -19.72 -1.95
C LYS B 181 -6.87 -18.45 -2.09
N TYR B 182 -6.99 -17.96 -3.33
CA TYR B 182 -7.69 -16.70 -3.50
C TYR B 182 -8.40 -16.62 -4.84
N TRP B 183 -9.45 -15.83 -4.87
CA TRP B 183 -10.10 -15.37 -6.08
C TRP B 183 -9.44 -14.06 -6.49
N LEU B 184 -9.13 -13.91 -7.78
CA LEU B 184 -8.58 -12.67 -8.30
C LEU B 184 -9.74 -11.79 -8.78
N VAL B 185 -9.94 -10.65 -8.12
CA VAL B 185 -11.18 -9.85 -8.27
C VAL B 185 -10.83 -8.45 -8.78
N LYS B 186 -11.46 -8.05 -9.88
CA LYS B 186 -11.36 -6.71 -10.41
C LYS B 186 -12.45 -5.85 -9.77
N ASN B 187 -12.08 -4.74 -9.14
CA ASN B 187 -13.04 -3.81 -8.56
C ASN B 187 -13.18 -2.63 -9.53
N SER B 188 -14.06 -1.68 -9.20
CA SER B 188 -14.33 -0.50 -10.06
C SER B 188 -14.19 0.78 -9.26
N TRP B 189 -13.15 0.84 -8.44
CA TRP B 189 -12.87 2.00 -7.59
C TRP B 189 -11.59 2.67 -8.03
N GLY B 190 -11.18 2.43 -9.29
CA GLY B 190 -9.94 3.03 -9.78
C GLY B 190 -8.73 2.20 -9.42
N GLU B 191 -7.59 2.69 -9.95
CA GLU B 191 -6.32 1.98 -9.87
C GLU B 191 -5.60 2.19 -8.56
N GLU B 192 -5.92 3.27 -7.85
CA GLU B 192 -5.29 3.58 -6.56
C GLU B 192 -5.74 2.60 -5.49
N TRP B 193 -6.99 2.14 -5.54
CA TRP B 193 -7.47 1.24 -4.51
C TRP B 193 -6.82 -0.12 -4.69
N GLY B 194 -6.48 -0.79 -3.59
CA GLY B 194 -6.05 -2.15 -3.66
C GLY B 194 -4.78 -2.30 -4.46
N MET B 195 -4.71 -3.39 -5.21
CA MET B 195 -3.49 -3.79 -5.91
C MET B 195 -3.73 -3.45 -7.37
N GLY B 196 -3.45 -2.19 -7.71
CA GLY B 196 -3.79 -1.71 -9.03
C GLY B 196 -5.28 -1.79 -9.33
N GLY B 197 -6.11 -1.76 -8.30
CA GLY B 197 -7.55 -1.85 -8.52
C GLY B 197 -8.13 -3.24 -8.34
N TYR B 198 -7.30 -4.23 -8.03
CA TYR B 198 -7.65 -5.63 -7.83
C TYR B 198 -7.52 -5.99 -6.36
N VAL B 199 -8.20 -7.08 -5.96
CA VAL B 199 -8.12 -7.63 -4.61
C VAL B 199 -8.08 -9.16 -4.72
N LYS B 200 -7.25 -9.80 -3.91
CA LYS B 200 -7.26 -11.26 -3.79
C LYS B 200 -8.16 -11.63 -2.62
N MET B 201 -9.31 -12.22 -2.91
N MET B 201 -9.34 -12.19 -2.93
CA MET B 201 -10.25 -12.57 -1.86
CA MET B 201 -10.31 -12.60 -1.92
C MET B 201 -10.17 -14.04 -1.49
C MET B 201 -10.10 -14.04 -1.50
N ALA B 202 -10.19 -14.30 -0.18
CA ALA B 202 -10.05 -15.67 0.32
C ALA B 202 -10.99 -16.63 -0.41
N LYS B 203 -10.42 -17.74 -0.88
CA LYS B 203 -11.10 -18.80 -1.63
C LYS B 203 -11.13 -20.11 -0.86
N ASP B 204 -12.24 -20.81 -0.94
CA ASP B 204 -12.44 -22.07 -0.25
C ASP B 204 -12.32 -21.93 1.26
N ARG B 205 -12.80 -20.80 1.77
CA ARG B 205 -12.94 -20.55 3.20
C ARG B 205 -14.40 -20.28 3.51
N ARG B 206 -15.24 -21.30 3.33
CA ARG B 206 -16.68 -21.23 3.63
C ARG B 206 -17.37 -20.07 2.92
N ASN B 207 -17.11 -19.93 1.62
CA ASN B 207 -17.81 -18.91 0.81
C ASN B 207 -17.65 -17.52 1.41
N HIS B 208 -16.40 -17.14 1.57
CA HIS B 208 -16.07 -15.94 2.30
C HIS B 208 -16.63 -14.70 1.59
N CYS B 209 -17.32 -13.86 2.36
CA CYS B 209 -17.97 -12.64 1.91
C CYS B 209 -19.04 -12.92 0.89
N GLY B 210 -19.46 -14.18 0.74
CA GLY B 210 -20.57 -14.54 -0.15
C GLY B 210 -20.24 -14.52 -1.62
N ILE B 211 -18.96 -14.65 -1.97
CA ILE B 211 -18.56 -14.48 -3.35
C ILE B 211 -19.22 -15.51 -4.28
N ALA B 212 -19.64 -16.67 -3.78
CA ALA B 212 -20.30 -17.67 -4.62
C ALA B 212 -21.81 -17.65 -4.46
N SER B 213 -22.34 -16.68 -3.73
CA SER B 213 -23.76 -16.67 -3.42
C SER B 213 -24.63 -16.07 -4.52
N ALA B 214 -24.06 -15.24 -5.38
CA ALA B 214 -24.83 -14.57 -6.43
C ALA B 214 -23.93 -14.32 -7.63
N ALA B 215 -23.38 -15.41 -8.18
CA ALA B 215 -22.43 -15.37 -9.29
C ALA B 215 -23.17 -15.62 -10.60
N SER B 216 -22.84 -14.86 -11.65
CA SER B 216 -23.57 -15.03 -12.91
C SER B 216 -22.76 -14.49 -14.08
N TYR B 217 -23.20 -14.80 -15.30
CA TYR B 217 -22.57 -14.26 -16.48
C TYR B 217 -23.58 -14.25 -17.62
N PRO B 218 -23.36 -13.45 -18.65
CA PRO B 218 -24.35 -13.39 -19.75
C PRO B 218 -24.17 -14.53 -20.73
N THR B 219 -25.31 -14.93 -21.31
CA THR B 219 -25.39 -15.95 -22.37
C THR B 219 -25.04 -15.31 -23.70
N VAL B 220 -23.92 -15.71 -24.26
CA VAL B 220 -23.44 -15.14 -25.50
C VAL B 220 -23.03 -16.29 -26.43
N ALA C 1 10.36 29.51 13.27
CA ALA C 1 10.03 28.21 13.83
C ALA C 1 10.87 27.11 13.15
N PRO C 2 10.92 25.91 13.75
CA PRO C 2 11.60 24.78 13.10
C PRO C 2 10.93 24.44 11.79
N ARG C 3 11.71 23.87 10.84
CA ARG C 3 11.15 23.41 9.59
C ARG C 3 10.48 22.05 9.68
N SER C 4 10.79 21.29 10.72
CA SER C 4 10.32 19.92 10.90
C SER C 4 10.11 19.70 12.39
N VAL C 5 8.98 19.07 12.75
CA VAL C 5 8.61 18.73 14.13
C VAL C 5 7.95 17.34 14.11
N ASP C 6 8.21 16.52 15.13
CA ASP C 6 7.50 15.24 15.24
C ASP C 6 7.47 14.86 16.72
N TRP C 7 6.32 15.09 17.35
CA TRP C 7 6.22 14.84 18.77
C TRP C 7 6.22 13.36 19.10
N ARG C 8 6.04 12.47 18.13
CA ARG C 8 6.13 11.05 18.43
C ARG C 8 7.49 10.69 18.95
N GLU C 9 8.54 11.34 18.43
CA GLU C 9 9.91 11.09 18.86
C GLU C 9 10.18 11.57 20.28
N LYS C 10 9.35 12.47 20.82
CA LYS C 10 9.54 12.94 22.17
C LYS C 10 8.68 12.21 23.19
N GLY C 11 7.89 11.21 22.78
CA GLY C 11 7.11 10.40 23.68
C GLY C 11 5.73 10.94 23.99
N TYR C 12 5.22 11.88 23.19
CA TYR C 12 3.94 12.53 23.46
C TYR C 12 2.73 11.77 22.93
N VAL C 13 2.89 10.68 22.17
CA VAL C 13 1.79 10.18 21.32
C VAL C 13 1.59 8.68 21.52
N THR C 14 0.34 8.27 21.84
CA THR C 14 0.01 6.87 21.96
C THR C 14 -0.12 6.26 20.58
N PRO C 15 -0.17 4.93 20.49
CA PRO C 15 -0.41 4.27 19.20
C PRO C 15 -1.74 4.69 18.58
N VAL C 16 -1.82 4.49 17.26
CA VAL C 16 -3.07 4.69 16.52
C VAL C 16 -4.18 3.80 17.06
N LYS C 17 -5.37 4.40 17.27
CA LYS C 17 -6.60 3.75 17.73
C LYS C 17 -7.59 3.66 16.57
N ASN C 18 -8.77 3.07 16.86
CA ASN C 18 -9.79 2.84 15.82
C ASN C 18 -11.18 3.11 16.40
N GLN C 19 -11.81 4.17 15.91
CA GLN C 19 -13.12 4.59 16.43
C GLN C 19 -14.22 3.68 15.97
N GLY C 20 -13.93 2.77 15.05
CA GLY C 20 -15.01 1.92 14.52
C GLY C 20 -16.07 2.71 13.77
N GLN C 21 -17.29 2.20 13.81
CA GLN C 21 -18.43 2.79 13.09
C GLN C 21 -19.28 3.65 14.03
N CYS C 22 -18.62 4.57 14.67
CA CYS C 22 -19.21 5.56 15.57
C CYS C 22 -18.61 6.91 15.20
N GLY C 23 -19.45 7.97 15.19
CA GLY C 23 -19.00 9.33 14.90
C GLY C 23 -18.31 10.01 16.06
N SER C 24 -17.27 9.35 16.57
CA SER C 24 -16.60 9.76 17.80
C SER C 24 -15.22 10.32 17.54
N CYS C 25 -14.94 10.72 16.28
CA CYS C 25 -13.63 11.31 15.95
C CYS C 25 -13.22 12.40 16.94
N TRP C 26 -14.16 13.28 17.34
CA TRP C 26 -13.84 14.37 18.26
C TRP C 26 -13.25 13.86 19.57
N ALA C 27 -13.68 12.68 20.01
CA ALA C 27 -13.20 12.13 21.29
C ALA C 27 -11.78 11.60 21.15
N PHE C 28 -11.47 10.97 20.02
CA PHE C 28 -10.10 10.54 19.75
C PHE C 28 -9.15 11.71 19.54
N SER C 29 -9.60 12.75 18.85
CA SER C 29 -8.80 13.98 18.77
C SER C 29 -8.52 14.56 20.14
N ALA C 30 -9.56 14.65 20.98
CA ALA C 30 -9.39 15.26 22.30
C ALA C 30 -8.48 14.42 23.20
N THR C 31 -8.70 13.09 23.22
CA THR C 31 -7.80 12.27 24.05
C THR C 31 -6.36 12.36 23.56
N GLY C 32 -6.14 12.39 22.24
CA GLY C 32 -4.78 12.57 21.75
C GLY C 32 -4.12 13.84 22.25
N ALA C 33 -4.84 14.97 22.18
CA ALA C 33 -4.25 16.24 22.65
C ALA C 33 -4.05 16.22 24.17
N LEU C 34 -4.97 15.63 24.91
CA LEU C 34 -4.77 15.59 26.37
C LEU C 34 -3.68 14.59 26.79
N GLU C 35 -3.54 13.47 26.07
CA GLU C 35 -2.40 12.57 26.28
C GLU C 35 -1.08 13.30 26.14
N GLY C 36 -0.97 14.15 25.10
CA GLY C 36 0.24 14.92 24.89
C GLY C 36 0.50 15.91 26.02
N GLN C 37 -0.53 16.66 26.44
CA GLN C 37 -0.30 17.68 27.49
C GLN C 37 -0.07 17.04 28.85
N MET C 38 -0.77 15.95 29.14
CA MET C 38 -0.47 15.22 30.37
C MET C 38 0.97 14.71 30.40
N PHE C 39 1.47 14.17 29.28
CA PHE C 39 2.87 13.72 29.24
C PHE C 39 3.82 14.88 29.45
N ARG C 40 3.52 16.01 28.84
CA ARG C 40 4.35 17.20 29.01
C ARG C 40 4.46 17.56 30.48
N LYS C 41 3.37 17.40 31.23
CA LYS C 41 3.40 17.77 32.64
C LYS C 41 4.09 16.72 33.52
N THR C 42 3.75 15.44 33.35
CA THR C 42 4.13 14.37 34.28
C THR C 42 5.24 13.47 33.78
N GLY C 43 5.58 13.51 32.50
CA GLY C 43 6.45 12.52 31.90
C GLY C 43 5.88 11.11 31.78
N ARG C 44 4.57 10.94 31.99
CA ARG C 44 3.93 9.64 31.87
C ARG C 44 2.91 9.68 30.74
N LEU C 45 3.05 8.76 29.79
CA LEU C 45 2.11 8.64 28.67
C LEU C 45 1.06 7.60 29.06
N ILE C 46 -0.20 8.02 29.18
CA ILE C 46 -1.27 7.10 29.57
C ILE C 46 -2.40 7.26 28.57
N SER C 47 -2.76 6.17 27.90
CA SER C 47 -3.92 6.17 27.00
C SER C 47 -5.22 6.47 27.75
N LEU C 48 -6.02 7.41 27.21
CA LEU C 48 -7.22 7.95 27.87
C LEU C 48 -8.49 7.40 27.24
N SER C 49 -9.60 7.49 27.98
CA SER C 49 -10.85 6.83 27.57
C SER C 49 -11.68 7.71 26.64
N GLU C 50 -11.72 7.35 25.36
CA GLU C 50 -12.70 7.95 24.46
C GLU C 50 -14.14 7.59 24.89
N GLN C 51 -14.36 6.37 25.40
CA GLN C 51 -15.73 5.99 25.74
C GLN C 51 -16.26 6.86 26.87
N ASN C 52 -15.41 7.17 27.82
CA ASN C 52 -15.77 8.11 28.87
C ASN C 52 -16.31 9.43 28.28
N LEU C 53 -15.65 9.97 27.25
CA LEU C 53 -16.12 11.19 26.60
C LEU C 53 -17.44 10.95 25.86
N VAL C 54 -17.52 9.87 25.07
CA VAL C 54 -18.75 9.57 24.31
C VAL C 54 -19.97 9.48 25.24
N ASP C 55 -19.81 8.79 26.37
CA ASP C 55 -20.93 8.50 27.27
C ASP C 55 -21.31 9.69 28.15
N CYS C 56 -20.35 10.55 28.49
CA CYS C 56 -20.55 11.48 29.61
C CYS C 56 -20.51 12.96 29.27
N SER C 57 -20.01 13.38 28.08
CA SER C 57 -19.83 14.81 27.86
C SER C 57 -20.99 15.45 27.07
N GLY C 58 -22.16 14.81 27.03
CA GLY C 58 -23.35 15.47 26.53
C GLY C 58 -23.64 16.83 27.12
N PRO C 59 -23.51 17.01 28.45
CA PRO C 59 -23.83 18.32 29.02
C PRO C 59 -22.96 19.44 28.51
N GLN C 60 -21.75 19.14 28.04
CA GLN C 60 -20.91 20.20 27.50
C GLN C 60 -21.18 20.47 26.03
N GLY C 61 -22.13 19.76 25.43
CA GLY C 61 -22.55 19.98 24.04
C GLY C 61 -22.31 18.81 23.10
N ASN C 62 -21.63 17.72 23.52
CA ASN C 62 -21.31 16.65 22.61
C ASN C 62 -22.50 15.70 22.40
N GLU C 63 -22.45 14.94 21.32
CA GLU C 63 -23.58 14.10 20.92
C GLU C 63 -23.13 12.67 20.65
N GLY C 64 -22.14 12.20 21.41
CA GLY C 64 -21.84 10.78 21.33
C GLY C 64 -21.35 10.37 19.95
N CYS C 65 -21.91 9.28 19.45
CA CYS C 65 -21.58 8.77 18.13
C CYS C 65 -22.20 9.61 17.01
N ASN C 66 -23.05 10.58 17.35
CA ASN C 66 -23.61 11.53 16.41
C ASN C 66 -22.78 12.79 16.28
N GLY C 67 -21.57 12.82 16.85
CA GLY C 67 -20.67 13.93 16.64
C GLY C 67 -20.40 14.73 17.90
N GLY C 68 -19.42 15.61 17.82
CA GLY C 68 -18.99 16.35 18.99
C GLY C 68 -17.86 17.30 18.62
N LEU C 69 -17.35 17.98 19.64
CA LEU C 69 -16.21 18.89 19.44
C LEU C 69 -15.16 18.68 20.52
N MET C 70 -13.90 18.80 20.11
CA MET C 70 -12.81 18.62 21.05
C MET C 70 -12.87 19.62 22.23
N ASP C 71 -13.21 20.88 21.95
CA ASP C 71 -13.27 21.86 23.02
C ASP C 71 -14.34 21.49 24.05
N TYR C 72 -15.46 20.91 23.59
CA TYR C 72 -16.49 20.44 24.54
C TYR C 72 -15.94 19.32 25.41
N ALA C 73 -15.10 18.45 24.82
CA ALA C 73 -14.50 17.40 25.61
C ALA C 73 -13.54 17.97 26.63
N PHE C 74 -12.72 18.97 26.22
CA PHE C 74 -11.81 19.55 27.19
C PHE C 74 -12.59 20.22 28.32
N GLN C 75 -13.75 20.78 27.99
CA GLN C 75 -14.57 21.41 29.03
C GLN C 75 -15.15 20.37 29.99
N TYR C 76 -15.61 19.25 29.44
CA TYR C 76 -16.03 18.14 30.28
C TYR C 76 -14.96 17.73 31.29
N VAL C 77 -13.71 17.52 30.84
CA VAL C 77 -12.68 17.04 31.75
C VAL C 77 -12.47 18.03 32.89
N GLN C 78 -12.54 19.33 32.58
CA GLN C 78 -12.42 20.35 33.64
C GLN C 78 -13.62 20.32 34.57
N ASP C 79 -14.83 20.39 33.99
CA ASP C 79 -16.07 20.37 34.77
C ASP C 79 -16.16 19.13 35.64
N ASN C 80 -15.79 17.98 35.07
CA ASN C 80 -15.99 16.73 35.75
C ASN C 80 -14.92 16.47 36.78
N GLY C 81 -13.80 17.17 36.69
CA GLY C 81 -12.66 16.94 37.56
C GLY C 81 -11.86 15.69 37.26
N GLY C 82 -11.90 15.19 36.03
CA GLY C 82 -11.12 14.01 35.73
C GLY C 82 -11.57 13.29 34.46
N LEU C 83 -10.77 12.28 34.10
CA LEU C 83 -11.03 11.43 32.94
C LEU C 83 -10.38 10.07 33.18
N ASP C 84 -11.13 8.99 32.93
CA ASP C 84 -10.61 7.67 33.22
C ASP C 84 -9.62 7.24 32.15
N SER C 85 -8.83 6.23 32.49
CA SER C 85 -7.89 5.67 31.53
C SER C 85 -8.62 4.79 30.54
N GLU C 86 -8.02 4.64 29.35
CA GLU C 86 -8.48 3.67 28.37
C GLU C 86 -8.62 2.27 28.96
N GLU C 87 -7.60 1.84 29.72
CA GLU C 87 -7.64 0.51 30.33
C GLU C 87 -8.84 0.35 31.26
N SER C 88 -9.15 1.37 32.07
CA SER C 88 -10.25 1.26 33.03
C SER C 88 -11.63 1.43 32.42
N TYR C 89 -11.74 2.05 31.23
CA TYR C 89 -13.04 2.41 30.65
C TYR C 89 -12.89 2.21 29.15
N PRO C 90 -12.89 0.94 28.70
CA PRO C 90 -12.48 0.66 27.32
C PRO C 90 -13.54 1.06 26.29
N TYR C 91 -13.06 1.12 25.04
CA TYR C 91 -13.86 1.68 23.96
C TYR C 91 -14.80 0.63 23.41
N GLU C 92 -16.09 0.98 23.26
CA GLU C 92 -17.09 0.06 22.75
C GLU C 92 -17.71 0.49 21.43
N ALA C 93 -17.40 1.69 20.93
CA ALA C 93 -17.93 2.20 19.66
C ALA C 93 -19.45 2.31 19.62
N THR C 94 -20.12 2.53 20.75
CA THR C 94 -21.54 2.80 20.77
C THR C 94 -21.83 3.59 22.04
N GLU C 95 -22.81 4.49 21.98
CA GLU C 95 -23.07 5.33 23.14
C GLU C 95 -23.82 4.53 24.19
N GLU C 96 -23.42 4.73 25.45
CA GLU C 96 -23.99 4.05 26.59
C GLU C 96 -24.09 5.07 27.73
N SER C 97 -24.75 4.69 28.82
CA SER C 97 -24.84 5.64 29.91
C SER C 97 -23.46 5.84 30.55
N CYS C 98 -23.31 6.97 31.24
N CYS C 98 -23.31 6.98 31.22
CA CYS C 98 -22.03 7.36 31.82
CA CYS C 98 -22.01 7.36 31.78
C CYS C 98 -21.62 6.46 32.98
C CYS C 98 -21.63 6.44 32.94
N LYS C 99 -20.36 5.97 32.94
CA LYS C 99 -19.87 5.07 33.97
C LYS C 99 -18.58 5.60 34.58
N TYR C 100 -18.33 6.90 34.43
CA TYR C 100 -17.13 7.52 35.00
C TYR C 100 -16.93 7.13 36.45
N ASN C 101 -15.68 6.81 36.82
CA ASN C 101 -15.34 6.50 38.20
C ASN C 101 -14.14 7.36 38.56
N PRO C 102 -14.25 8.30 39.51
CA PRO C 102 -13.10 9.17 39.81
C PRO C 102 -11.87 8.41 40.31
N LYS C 103 -12.06 7.24 40.92
CA LYS C 103 -10.91 6.49 41.42
C LYS C 103 -9.96 6.12 40.30
N TYR C 104 -10.48 5.98 39.09
CA TYR C 104 -9.67 5.55 37.96
C TYR C 104 -9.30 6.70 37.04
N SER C 105 -9.57 7.92 37.47
CA SER C 105 -9.13 9.11 36.73
C SER C 105 -7.62 9.21 36.68
N VAL C 106 -7.11 9.51 35.48
CA VAL C 106 -5.64 9.62 35.32
C VAL C 106 -5.24 10.90 34.59
N ALA C 107 -6.19 11.79 34.32
CA ALA C 107 -5.91 13.05 33.64
C ALA C 107 -6.86 14.13 34.12
N ASN C 108 -6.43 15.38 33.93
CA ASN C 108 -7.20 16.56 34.26
C ASN C 108 -6.84 17.67 33.27
N ASP C 109 -7.69 18.67 33.18
CA ASP C 109 -7.29 19.91 32.54
C ASP C 109 -8.05 21.07 33.17
N ALA C 110 -7.52 22.26 32.89
CA ALA C 110 -8.03 23.49 33.47
C ALA C 110 -8.55 24.43 32.39
N GLY C 111 -9.10 23.85 31.32
CA GLY C 111 -9.56 24.64 30.20
C GLY C 111 -8.79 24.29 28.95
N PHE C 112 -8.77 25.23 28.01
CA PHE C 112 -8.24 24.97 26.69
C PHE C 112 -7.94 26.31 26.03
N VAL C 113 -7.22 26.22 24.92
CA VAL C 113 -6.81 27.38 24.14
C VAL C 113 -7.22 27.15 22.68
N ASP C 114 -7.87 28.14 22.09
CA ASP C 114 -8.21 28.13 20.68
C ASP C 114 -7.15 28.92 19.91
N ILE C 115 -6.60 28.31 18.86
CA ILE C 115 -5.53 28.90 18.04
C ILE C 115 -6.16 29.77 16.95
N PRO C 116 -5.60 30.96 16.67
CA PRO C 116 -6.10 31.77 15.56
C PRO C 116 -6.14 30.97 14.26
N LYS C 117 -7.06 31.36 13.36
CA LYS C 117 -7.38 30.56 12.16
C LYS C 117 -6.43 30.86 10.99
N GLN C 118 -5.15 30.59 11.23
CA GLN C 118 -4.07 30.78 10.27
C GLN C 118 -3.08 29.64 10.42
N GLU C 119 -2.60 29.11 9.28
CA GLU C 119 -1.59 28.06 9.35
C GLU C 119 -0.29 28.52 10.01
N LYS C 120 0.06 29.81 9.93
CA LYS C 120 1.24 30.26 10.66
C LYS C 120 1.07 30.12 12.17
N ALA C 121 -0.12 30.41 12.70
CA ALA C 121 -0.38 30.24 14.12
C ALA C 121 -0.41 28.77 14.52
N LEU C 122 -1.04 27.93 13.69
CA LEU C 122 -1.02 26.49 13.95
C LEU C 122 0.42 26.00 14.03
N MET C 123 1.28 26.45 13.13
CA MET C 123 2.68 26.00 13.13
C MET C 123 3.36 26.37 14.43
N LYS C 124 3.17 27.62 14.88
CA LYS C 124 3.78 28.06 16.14
C LYS C 124 3.29 27.21 17.30
N ALA C 125 1.99 26.92 17.33
CA ALA C 125 1.44 26.08 18.40
C ALA C 125 2.01 24.66 18.34
N VAL C 126 2.03 24.04 17.16
CA VAL C 126 2.61 22.69 17.09
C VAL C 126 4.08 22.70 17.55
N ALA C 127 4.83 23.73 17.16
CA ALA C 127 6.25 23.80 17.51
C ALA C 127 6.48 23.94 19.01
N THR C 128 5.59 24.62 19.73
CA THR C 128 5.88 25.00 21.11
C THR C 128 5.03 24.29 22.18
N VAL C 129 3.91 23.69 21.81
CA VAL C 129 2.97 23.13 22.76
C VAL C 129 3.01 21.61 22.78
N GLY C 130 2.93 20.99 21.61
CA GLY C 130 2.72 19.56 21.51
C GLY C 130 1.63 19.29 20.46
N PRO C 131 1.14 18.04 20.40
CA PRO C 131 0.07 17.72 19.45
C PRO C 131 -1.14 18.60 19.67
N ILE C 132 -1.82 18.92 18.55
CA ILE C 132 -2.90 19.90 18.52
C ILE C 132 -4.13 19.24 17.90
N SER C 133 -5.26 19.41 18.55
CA SER C 133 -6.53 18.92 17.98
C SER C 133 -6.96 19.85 16.86
N VAL C 134 -7.40 19.26 15.74
CA VAL C 134 -7.86 20.04 14.59
C VAL C 134 -9.06 19.35 13.96
N ALA C 135 -9.84 20.14 13.20
CA ALA C 135 -10.92 19.60 12.35
C ALA C 135 -10.55 19.74 10.88
N ILE C 136 -10.85 18.71 10.09
CA ILE C 136 -10.62 18.74 8.64
C ILE C 136 -11.86 18.27 7.88
N ASP C 137 -11.89 18.64 6.60
CA ASP C 137 -12.81 18.04 5.63
C ASP C 137 -12.17 16.75 5.11
N ALA C 138 -12.64 15.59 5.62
CA ALA C 138 -12.18 14.25 5.25
C ALA C 138 -13.18 13.52 4.35
N GLY C 139 -14.21 14.23 3.91
CA GLY C 139 -15.31 13.64 3.14
C GLY C 139 -15.05 13.50 1.65
N HIS C 140 -13.97 12.79 1.29
CA HIS C 140 -13.65 12.52 -0.09
C HIS C 140 -13.04 11.13 -0.24
N GLU C 141 -13.37 10.46 -1.33
CA GLU C 141 -12.84 9.11 -1.55
C GLU C 141 -11.32 9.07 -1.52
N SER C 142 -10.63 10.10 -2.06
CA SER C 142 -9.17 10.15 -2.00
C SER C 142 -8.65 10.01 -0.58
N PHE C 143 -9.41 10.49 0.41
CA PHE C 143 -8.96 10.35 1.80
C PHE C 143 -9.08 8.92 2.30
N LEU C 144 -10.10 8.16 1.84
CA LEU C 144 -10.23 6.75 2.24
C LEU C 144 -9.09 5.91 1.71
N PHE C 145 -8.64 6.17 0.47
CA PHE C 145 -7.67 5.32 -0.23
C PHE C 145 -6.23 5.79 -0.05
N TYR C 146 -6.00 6.81 0.78
CA TYR C 146 -4.66 7.35 0.95
C TYR C 146 -3.65 6.26 1.38
N LYS C 147 -2.49 6.21 0.70
CA LYS C 147 -1.42 5.28 1.09
C LYS C 147 -0.16 5.97 1.57
N GLU C 148 0.24 7.06 0.92
CA GLU C 148 1.54 7.67 1.23
C GLU C 148 1.59 9.02 0.51
N GLY C 149 2.67 9.77 0.75
CA GLY C 149 2.81 11.06 0.12
C GLY C 149 2.03 12.18 0.81
N ILE C 150 2.01 13.34 0.15
CA ILE C 150 1.31 14.50 0.67
C ILE C 150 -0.10 14.51 0.12
N TYR C 151 -1.06 14.42 1.00
CA TYR C 151 -2.45 14.41 0.59
C TYR C 151 -2.91 15.79 0.11
N PHE C 152 -3.38 15.87 -1.13
CA PHE C 152 -3.98 17.12 -1.60
C PHE C 152 -5.23 16.82 -2.42
N GLU C 153 -6.33 17.42 -2.02
CA GLU C 153 -7.65 17.17 -2.62
C GLU C 153 -8.21 18.49 -3.16
N PRO C 154 -8.25 18.70 -4.48
CA PRO C 154 -8.66 20.02 -4.99
C PRO C 154 -10.07 20.42 -4.62
N ASP C 155 -10.93 19.46 -4.29
CA ASP C 155 -12.29 19.78 -3.90
C ASP C 155 -12.44 19.96 -2.41
N CYS C 156 -11.34 19.97 -1.65
CA CYS C 156 -11.46 20.06 -0.22
C CYS C 156 -11.92 21.45 0.19
N SER C 157 -12.75 21.50 1.23
CA SER C 157 -13.26 22.76 1.73
C SER C 157 -12.48 23.22 2.95
N SER C 158 -12.27 24.53 3.07
N SER C 158 -12.28 24.54 3.07
CA SER C 158 -11.60 25.13 4.22
CA SER C 158 -11.61 25.13 4.22
C SER C 158 -12.58 25.70 5.24
C SER C 158 -12.58 25.70 5.24
N GLU C 159 -13.88 25.61 4.96
CA GLU C 159 -14.92 26.17 5.82
C GLU C 159 -15.82 25.10 6.43
N ASP C 160 -15.98 23.96 5.76
CA ASP C 160 -16.89 22.90 6.21
C ASP C 160 -16.08 21.65 6.55
N MET C 161 -15.75 21.50 7.83
CA MET C 161 -15.00 20.37 8.34
C MET C 161 -15.96 19.31 8.88
N ASP C 162 -15.57 18.05 8.75
CA ASP C 162 -16.41 16.96 9.25
C ASP C 162 -15.69 15.93 10.10
N HIS C 163 -14.42 16.13 10.42
CA HIS C 163 -13.67 15.04 11.04
C HIS C 163 -12.57 15.61 11.93
N GLY C 164 -12.50 15.14 13.18
CA GLY C 164 -11.52 15.63 14.14
C GLY C 164 -10.33 14.69 14.13
N VAL C 165 -9.10 15.28 14.12
CA VAL C 165 -7.88 14.50 14.05
C VAL C 165 -6.85 15.22 14.90
N LEU C 166 -5.60 14.79 14.84
CA LEU C 166 -4.56 15.31 15.74
C LEU C 166 -3.30 15.61 14.96
N VAL C 167 -2.83 16.86 14.98
CA VAL C 167 -1.57 17.21 14.33
C VAL C 167 -0.44 16.93 15.32
N VAL C 168 0.49 16.05 14.93
CA VAL C 168 1.58 15.66 15.82
C VAL C 168 2.90 16.21 15.35
N GLY C 169 2.91 16.95 14.24
CA GLY C 169 4.15 17.44 13.68
C GLY C 169 3.91 18.03 12.30
N TYR C 170 5.03 18.37 11.65
CA TYR C 170 4.99 18.88 10.28
C TYR C 170 6.38 18.69 9.69
N GLY C 171 6.46 18.78 8.37
CA GLY C 171 7.77 18.59 7.76
C GLY C 171 7.68 18.87 6.27
N PHE C 172 8.60 18.29 5.52
CA PHE C 172 8.63 18.53 4.08
C PHE C 172 9.20 17.31 3.36
N GLU C 173 8.86 17.21 2.08
CA GLU C 173 9.54 16.28 1.19
C GLU C 173 9.36 16.77 -0.25
N SER C 174 10.39 16.55 -1.06
CA SER C 174 10.33 17.02 -2.45
C SER C 174 9.22 16.31 -3.21
N THR C 175 8.53 17.07 -4.04
CA THR C 175 7.43 16.52 -4.86
C THR C 175 7.45 17.08 -6.27
N GLU C 176 6.74 16.38 -7.16
CA GLU C 176 6.61 16.82 -8.54
C GLU C 176 6.16 18.28 -8.66
N SER C 177 5.15 18.68 -7.87
CA SER C 177 4.54 20.01 -7.99
C SER C 177 5.27 21.06 -7.19
N ASP C 178 6.25 20.66 -6.41
CA ASP C 178 7.00 21.56 -5.52
C ASP C 178 6.14 22.18 -4.44
N ASN C 179 5.01 21.54 -4.14
CA ASN C 179 4.26 21.83 -2.92
C ASN C 179 4.70 20.79 -1.90
N ASN C 180 5.74 21.14 -1.13
CA ASN C 180 6.54 20.13 -0.43
C ASN C 180 6.24 20.03 1.06
N LYS C 181 5.41 20.89 1.62
CA LYS C 181 5.25 20.93 3.06
C LYS C 181 3.98 20.19 3.49
N TYR C 182 4.05 19.59 4.67
CA TYR C 182 2.91 18.82 5.17
C TYR C 182 2.78 18.92 6.68
N TRP C 183 1.52 18.80 7.14
CA TRP C 183 1.19 18.49 8.53
C TRP C 183 1.18 16.98 8.70
N LEU C 184 1.81 16.50 9.77
CA LEU C 184 1.77 15.07 10.13
C LEU C 184 0.55 14.85 11.03
N VAL C 185 -0.42 14.07 10.55
CA VAL C 185 -1.73 13.97 11.20
C VAL C 185 -2.03 12.53 11.59
N LYS C 186 -2.33 12.31 12.87
CA LYS C 186 -2.76 11.02 13.41
C LYS C 186 -4.27 10.88 13.25
N ASN C 187 -4.72 9.83 12.57
CA ASN C 187 -6.14 9.60 12.42
C ASN C 187 -6.57 8.53 13.44
N SER C 188 -7.87 8.19 13.44
CA SER C 188 -8.40 7.19 14.37
C SER C 188 -9.16 6.11 13.61
N TRP C 189 -8.61 5.68 12.47
CA TRP C 189 -9.22 4.63 11.65
C TRP C 189 -8.39 3.35 11.64
N GLY C 190 -7.53 3.17 12.65
CA GLY C 190 -6.69 1.99 12.74
C GLY C 190 -5.42 2.14 11.91
N GLU C 191 -4.53 1.19 12.07
CA GLU C 191 -3.24 1.41 11.42
C GLU C 191 -3.22 0.88 9.98
N GLU C 192 -4.25 0.17 9.55
CA GLU C 192 -4.32 -0.26 8.14
C GLU C 192 -4.68 0.87 7.18
N TRP C 193 -5.30 1.94 7.68
CA TRP C 193 -5.56 3.12 6.86
C TRP C 193 -4.29 3.94 6.71
N GLY C 194 -4.12 4.55 5.53
CA GLY C 194 -2.98 5.48 5.36
C GLY C 194 -1.62 4.88 5.62
N MET C 195 -0.74 5.69 6.25
CA MET C 195 0.65 5.28 6.53
C MET C 195 0.72 4.86 7.98
N GLY C 196 0.40 3.60 8.24
CA GLY C 196 0.28 3.16 9.61
C GLY C 196 -0.74 3.96 10.42
N GLY C 197 -1.77 4.50 9.76
CA GLY C 197 -2.79 5.28 10.44
C GLY C 197 -2.57 6.79 10.43
N TYR C 198 -1.47 7.25 9.81
CA TYR C 198 -1.13 8.66 9.67
C TYR C 198 -1.34 9.13 8.25
N VAL C 199 -1.49 10.44 8.10
CA VAL C 199 -1.57 11.12 6.82
C VAL C 199 -0.73 12.39 6.85
N LYS C 200 -0.01 12.63 5.76
CA LYS C 200 0.70 13.89 5.56
C LYS C 200 -0.23 14.80 4.76
N MET C 201 -0.77 15.82 5.42
N MET C 201 -0.82 15.79 5.44
CA MET C 201 -1.75 16.70 4.79
CA MET C 201 -1.76 16.73 4.86
C MET C 201 -1.12 18.00 4.34
C MET C 201 -1.03 17.96 4.30
N ALA C 202 -1.48 18.41 3.13
CA ALA C 202 -0.85 19.60 2.52
C ALA C 202 -0.82 20.79 3.47
N LYS C 203 0.36 21.41 3.58
CA LYS C 203 0.61 22.53 4.49
C LYS C 203 0.98 23.80 3.72
N ASP C 204 0.43 24.93 4.15
CA ASP C 204 0.71 26.21 3.52
C ASP C 204 0.15 26.29 2.10
N ARG C 205 -0.97 25.60 1.88
CA ARG C 205 -1.73 25.63 0.64
C ARG C 205 -3.14 26.14 0.92
N ARG C 206 -3.23 27.38 1.37
CA ARG C 206 -4.52 28.06 1.57
C ARG C 206 -5.40 27.29 2.56
N ASN C 207 -4.80 26.88 3.68
CA ASN C 207 -5.56 26.20 4.74
C ASN C 207 -6.34 25.00 4.20
N HIS C 208 -5.61 24.10 3.55
CA HIS C 208 -6.17 22.97 2.84
C HIS C 208 -6.99 22.09 3.78
N CYS C 209 -8.23 21.80 3.37
CA CYS C 209 -9.22 21.02 4.11
C CYS C 209 -9.55 21.62 5.48
N GLY C 210 -9.18 22.88 5.70
CA GLY C 210 -9.58 23.62 6.89
C GLY C 210 -8.82 23.26 8.14
N ILE C 211 -7.61 22.71 7.99
CA ILE C 211 -6.86 22.18 9.13
C ILE C 211 -6.56 23.23 10.21
N ALA C 212 -6.43 24.51 9.86
CA ALA C 212 -6.18 25.54 10.87
C ALA C 212 -7.44 26.30 11.28
N SER C 213 -8.62 25.83 10.89
CA SER C 213 -9.83 26.63 11.16
C SER C 213 -10.46 26.34 12.51
N ALA C 214 -10.16 25.21 13.12
CA ALA C 214 -10.70 24.92 14.44
C ALA C 214 -9.67 24.11 15.21
N ALA C 215 -8.52 24.73 15.47
CA ALA C 215 -7.44 24.05 16.17
C ALA C 215 -7.38 24.50 17.63
N SER C 216 -7.05 23.57 18.53
CA SER C 216 -7.08 23.89 19.96
C SER C 216 -6.32 22.82 20.73
N TYR C 217 -6.10 23.08 22.02
CA TYR C 217 -5.45 22.12 22.90
C TYR C 217 -5.87 22.40 24.35
N PRO C 218 -5.80 21.39 25.22
CA PRO C 218 -6.17 21.58 26.62
C PRO C 218 -5.03 22.20 27.41
N THR C 219 -5.39 22.87 28.51
CA THR C 219 -4.46 23.44 29.46
C THR C 219 -4.35 22.49 30.64
N VAL C 220 -3.15 22.03 30.94
CA VAL C 220 -2.99 21.01 31.96
C VAL C 220 -2.23 21.59 33.16
N ALA D 1 -0.04 -17.95 27.88
CA ALA D 1 0.17 -16.60 27.35
C ALA D 1 -1.14 -16.03 26.79
N PRO D 2 -1.26 -14.70 26.74
CA PRO D 2 -2.44 -14.08 26.15
C PRO D 2 -2.56 -14.41 24.67
N ARG D 3 -3.79 -14.21 24.13
CA ARG D 3 -4.02 -14.54 22.73
C ARG D 3 -3.35 -13.53 21.80
N SER D 4 -3.17 -12.29 22.25
CA SER D 4 -2.51 -11.26 21.47
C SER D 4 -1.74 -10.33 22.40
N VAL D 5 -0.61 -9.83 21.88
CA VAL D 5 0.28 -8.95 22.62
C VAL D 5 0.71 -7.81 21.69
N ASP D 6 0.74 -6.59 22.20
CA ASP D 6 1.30 -5.44 21.46
C ASP D 6 2.02 -4.49 22.42
N TRP D 7 3.35 -4.65 22.54
CA TRP D 7 4.07 -3.84 23.51
C TRP D 7 4.10 -2.34 23.18
N ARG D 8 3.75 -1.95 21.96
CA ARG D 8 3.66 -0.53 21.65
C ARG D 8 2.62 0.14 22.53
N GLU D 9 1.52 -0.57 22.82
CA GLU D 9 0.45 0.01 23.63
C GLU D 9 0.86 0.19 25.10
N LYS D 10 1.93 -0.47 25.54
CA LYS D 10 2.42 -0.38 26.92
C LYS D 10 3.60 0.56 27.08
N GLY D 11 4.05 1.21 26.02
CA GLY D 11 5.09 2.21 26.13
C GLY D 11 6.50 1.69 25.93
N TYR D 12 6.67 0.49 25.37
CA TYR D 12 8.00 -0.14 25.32
C TYR D 12 8.78 0.18 24.04
N VAL D 13 8.18 0.86 23.07
CA VAL D 13 8.71 0.89 21.71
C VAL D 13 8.83 2.32 21.19
N THR D 14 10.03 2.68 20.72
CA THR D 14 10.29 3.98 20.10
C THR D 14 9.72 3.98 18.69
N PRO D 15 9.64 5.15 18.06
CA PRO D 15 9.25 5.21 16.66
C PRO D 15 10.18 4.42 15.74
N VAL D 16 9.64 4.10 14.57
CA VAL D 16 10.39 3.42 13.53
C VAL D 16 11.55 4.28 13.06
N LYS D 17 12.74 3.66 12.94
CA LYS D 17 13.94 4.34 12.50
C LYS D 17 14.33 3.83 11.10
N ASN D 18 15.38 4.43 10.50
CA ASN D 18 15.84 4.03 9.18
C ASN D 18 17.35 3.86 9.19
N GLN D 19 17.79 2.62 8.99
CA GLN D 19 19.21 2.31 8.92
C GLN D 19 19.86 2.85 7.65
N GLY D 20 19.07 3.27 6.66
CA GLY D 20 19.73 3.83 5.48
C GLY D 20 20.49 2.78 4.69
N GLN D 21 21.55 3.21 4.01
CA GLN D 21 22.37 2.31 3.20
C GLN D 21 23.61 1.89 4.00
N CYS D 22 23.34 1.06 5.00
CA CYS D 22 24.35 0.59 5.94
C CYS D 22 23.81 -0.72 6.49
N GLY D 23 24.63 -1.76 6.54
CA GLY D 23 24.19 -3.08 7.00
C GLY D 23 24.18 -3.18 8.51
N SER D 24 23.44 -2.27 9.15
CA SER D 24 23.45 -2.08 10.59
C SER D 24 22.15 -2.57 11.23
N CYS D 25 21.40 -3.43 10.52
CA CYS D 25 20.13 -3.92 11.05
C CYS D 25 20.28 -4.51 12.45
N TRP D 26 21.40 -5.20 12.69
CA TRP D 26 21.65 -5.79 14.00
C TRP D 26 21.66 -4.73 15.11
N ALA D 27 22.19 -3.54 14.81
CA ALA D 27 22.26 -2.49 15.83
C ALA D 27 20.88 -1.93 16.14
N PHE D 28 19.99 -1.83 15.11
CA PHE D 28 18.63 -1.36 15.33
C PHE D 28 17.80 -2.42 16.08
N SER D 29 18.00 -3.71 15.74
CA SER D 29 17.33 -4.75 16.52
C SER D 29 17.77 -4.70 17.97
N ALA D 30 19.07 -4.50 18.21
CA ALA D 30 19.57 -4.49 19.60
C ALA D 30 19.11 -3.27 20.37
N THR D 31 19.17 -2.06 19.78
CA THR D 31 18.65 -0.92 20.51
C THR D 31 17.16 -1.10 20.78
N GLY D 32 16.44 -1.68 19.83
CA GLY D 32 15.01 -1.85 20.06
C GLY D 32 14.74 -2.72 21.27
N ALA D 33 15.46 -3.85 21.38
CA ALA D 33 15.26 -4.75 22.50
C ALA D 33 15.72 -4.09 23.80
N LEU D 34 16.87 -3.39 23.79
CA LEU D 34 17.34 -2.73 25.01
C LEU D 34 16.42 -1.59 25.42
N GLU D 35 15.88 -0.84 24.44
CA GLU D 35 14.90 0.20 24.73
C GLU D 35 13.72 -0.37 25.51
N GLY D 36 13.20 -1.53 25.07
CA GLY D 36 12.09 -2.14 25.77
C GLY D 36 12.46 -2.60 27.16
N GLN D 37 13.64 -3.22 27.32
CA GLN D 37 14.00 -3.71 28.67
C GLN D 37 14.34 -2.56 29.61
N MET D 38 14.99 -1.50 29.11
CA MET D 38 15.21 -0.33 29.96
C MET D 38 13.88 0.29 30.42
N PHE D 39 12.88 0.35 29.53
CA PHE D 39 11.59 0.86 29.93
C PHE D 39 10.93 -0.08 30.95
N ARG D 40 11.02 -1.39 30.74
CA ARG D 40 10.51 -2.35 31.71
C ARG D 40 11.13 -2.11 33.10
N LYS D 41 12.42 -1.76 33.13
CA LYS D 41 13.11 -1.59 34.40
C LYS D 41 12.79 -0.25 35.06
N THR D 42 12.75 0.83 34.28
CA THR D 42 12.70 2.19 34.84
C THR D 42 11.42 2.97 34.57
N GLY D 43 10.64 2.61 33.57
CA GLY D 43 9.52 3.42 33.21
C GLY D 43 9.86 4.54 32.25
N ARG D 44 11.12 4.64 31.81
CA ARG D 44 11.53 5.67 30.87
C ARG D 44 11.87 5.00 29.54
N LEU D 45 11.25 5.50 28.49
CA LEU D 45 11.57 5.12 27.12
C LEU D 45 12.52 6.18 26.52
N ILE D 46 13.76 5.78 26.26
CA ILE D 46 14.76 6.68 25.69
C ILE D 46 15.38 6.00 24.46
N SER D 47 15.35 6.67 23.33
CA SER D 47 15.96 6.17 22.11
C SER D 47 17.47 6.08 22.27
N LEU D 48 18.04 4.95 21.87
CA LEU D 48 19.43 4.59 22.08
C LEU D 48 20.23 4.67 20.78
N SER D 49 21.55 4.80 20.91
CA SER D 49 22.41 5.10 19.77
C SER D 49 22.85 3.84 19.02
N GLU D 50 22.29 3.64 17.81
CA GLU D 50 22.82 2.62 16.91
C GLU D 50 24.26 2.95 16.50
N GLN D 51 24.57 4.24 16.33
CA GLN D 51 25.91 4.64 15.89
C GLN D 51 26.97 4.23 16.90
N ASN D 52 26.66 4.36 18.19
CA ASN D 52 27.55 3.88 19.26
C ASN D 52 27.89 2.41 19.05
N LEU D 53 26.88 1.58 18.75
CA LEU D 53 27.15 0.18 18.47
C LEU D 53 27.96 -0.01 17.19
N VAL D 54 27.60 0.69 16.11
CA VAL D 54 28.32 0.52 14.86
C VAL D 54 29.79 0.86 15.02
N ASP D 55 30.08 1.92 15.77
CA ASP D 55 31.46 2.42 15.84
C ASP D 55 32.31 1.66 16.87
N CYS D 56 31.68 1.07 17.90
CA CYS D 56 32.41 0.67 19.11
C CYS D 56 32.37 -0.81 19.44
N SER D 57 31.46 -1.60 18.86
CA SER D 57 31.31 -2.99 19.27
C SER D 57 32.06 -3.98 18.37
N GLY D 58 33.09 -3.51 17.64
CA GLY D 58 33.98 -4.43 16.97
C GLY D 58 34.62 -5.47 17.85
N PRO D 59 35.09 -5.13 19.06
CA PRO D 59 35.79 -6.16 19.84
C PRO D 59 34.88 -7.29 20.26
N GLN D 60 33.57 -7.07 20.22
CA GLN D 60 32.65 -8.13 20.55
C GLN D 60 32.29 -8.98 19.33
N GLY D 61 32.74 -8.60 18.13
CA GLY D 61 32.52 -9.40 16.94
C GLY D 61 31.72 -8.69 15.87
N ASN D 62 31.25 -7.47 16.13
CA ASN D 62 30.45 -6.77 15.14
C ASN D 62 31.32 -6.08 14.10
N GLU D 63 30.72 -5.88 12.92
CA GLU D 63 31.45 -5.36 11.77
C GLU D 63 30.74 -4.16 11.15
N GLY D 64 30.17 -3.30 12.00
CA GLY D 64 29.70 -2.01 11.52
C GLY D 64 28.61 -2.16 10.46
N CYS D 65 28.76 -1.40 9.36
CA CYS D 65 27.85 -1.50 8.22
C CYS D 65 28.03 -2.80 7.42
N ASN D 66 28.99 -3.67 7.77
CA ASN D 66 29.19 -4.96 7.11
C ASN D 66 28.58 -6.11 7.90
N GLY D 67 27.77 -5.81 8.89
CA GLY D 67 27.03 -6.86 9.58
C GLY D 67 27.45 -7.00 11.03
N GLY D 68 26.67 -7.77 11.75
CA GLY D 68 26.83 -7.93 13.19
C GLY D 68 25.72 -8.79 13.76
N LEU D 69 25.78 -8.97 15.07
CA LEU D 69 24.74 -9.76 15.75
C LEU D 69 24.26 -9.04 17.00
N MET D 70 22.95 -9.18 17.30
CA MET D 70 22.38 -8.52 18.47
C MET D 70 23.07 -8.97 19.76
N ASP D 71 23.35 -10.27 19.89
CA ASP D 71 23.99 -10.72 21.12
C ASP D 71 25.35 -10.05 21.31
N TYR D 72 26.11 -9.87 20.22
CA TYR D 72 27.40 -9.17 20.35
C TYR D 72 27.20 -7.74 20.81
N ALA D 73 26.12 -7.10 20.32
CA ALA D 73 25.82 -5.76 20.81
C ALA D 73 25.46 -5.75 22.30
N PHE D 74 24.68 -6.73 22.76
CA PHE D 74 24.34 -6.79 24.18
C PHE D 74 25.59 -7.02 25.01
N GLN D 75 26.52 -7.83 24.48
CA GLN D 75 27.78 -8.05 25.19
C GLN D 75 28.62 -6.78 25.26
N TYR D 76 28.61 -5.97 24.19
CA TYR D 76 29.36 -4.71 24.22
C TYR D 76 28.83 -3.80 25.33
N VAL D 77 27.51 -3.65 25.42
CA VAL D 77 26.95 -2.75 26.42
C VAL D 77 27.40 -3.20 27.82
N GLN D 78 27.42 -4.52 28.06
CA GLN D 78 27.87 -5.03 29.37
C GLN D 78 29.36 -4.74 29.59
N ASP D 79 30.19 -5.07 28.59
CA ASP D 79 31.64 -4.86 28.67
C ASP D 79 31.96 -3.39 28.87
N ASN D 80 31.23 -2.53 28.17
CA ASN D 80 31.54 -1.11 28.10
C ASN D 80 31.04 -0.38 29.32
N GLY D 81 30.06 -0.96 30.02
CA GLY D 81 29.44 -0.28 31.12
C GLY D 81 28.39 0.74 30.77
N GLY D 82 27.88 0.75 29.53
CA GLY D 82 26.87 1.74 29.21
C GLY D 82 26.69 1.87 27.72
N LEU D 83 25.70 2.69 27.36
CA LEU D 83 25.39 2.95 25.96
C LEU D 83 24.79 4.34 25.86
N ASP D 84 25.20 5.09 24.86
CA ASP D 84 24.76 6.48 24.77
C ASP D 84 23.35 6.60 24.19
N SER D 85 22.70 7.72 24.49
CA SER D 85 21.41 8.00 23.89
C SER D 85 21.54 8.33 22.40
N GLU D 86 20.46 8.08 21.68
CA GLU D 86 20.38 8.48 20.28
C GLU D 86 20.63 9.99 20.14
N GLU D 87 20.10 10.80 21.06
CA GLU D 87 20.23 12.24 20.92
C GLU D 87 21.68 12.70 21.08
N SER D 88 22.42 12.06 21.98
CA SER D 88 23.82 12.44 22.22
C SER D 88 24.76 11.90 21.16
N TYR D 89 24.36 10.86 20.42
CA TYR D 89 25.27 10.12 19.53
C TYR D 89 24.43 9.64 18.34
N PRO D 90 24.02 10.56 17.48
CA PRO D 90 22.96 10.27 16.52
C PRO D 90 23.51 9.48 15.34
N TYR D 91 22.58 8.96 14.54
CA TYR D 91 22.93 7.98 13.54
C TYR D 91 23.45 8.63 12.27
N GLU D 92 24.59 8.15 11.78
CA GLU D 92 25.24 8.71 10.61
C GLU D 92 25.24 7.76 9.40
N ALA D 93 24.87 6.50 9.59
CA ALA D 93 24.78 5.51 8.53
C ALA D 93 26.10 5.22 7.83
N THR D 94 27.20 5.35 8.57
CA THR D 94 28.49 4.92 8.06
C THR D 94 29.38 4.73 9.28
N GLU D 95 30.35 3.82 9.18
CA GLU D 95 31.17 3.48 10.35
C GLU D 95 32.33 4.45 10.56
N GLU D 96 32.60 4.77 11.83
CA GLU D 96 33.69 5.65 12.17
C GLU D 96 34.32 5.20 13.48
N SER D 97 35.38 5.88 13.90
CA SER D 97 35.97 5.56 15.19
C SER D 97 34.96 5.82 16.32
N CYS D 98 35.17 5.11 17.42
N CYS D 98 35.18 5.13 17.44
CA CYS D 98 34.25 5.14 18.56
CA CYS D 98 34.26 5.15 18.57
C CYS D 98 34.31 6.47 19.31
C CYS D 98 34.31 6.47 19.32
N LYS D 99 33.13 7.07 19.54
CA LYS D 99 32.99 8.36 20.22
C LYS D 99 32.16 8.26 21.49
N TYR D 100 32.12 7.06 22.09
CA TYR D 100 31.33 6.85 23.29
C TYR D 100 31.76 7.80 24.42
N ASN D 101 30.77 8.33 25.09
CA ASN D 101 30.97 9.23 26.23
C ASN D 101 30.17 8.73 27.42
N PRO D 102 30.81 8.29 28.51
CA PRO D 102 30.03 7.73 29.61
C PRO D 102 29.09 8.75 30.22
N LYS D 103 29.37 10.04 30.07
CA LYS D 103 28.48 11.04 30.64
C LYS D 103 27.10 11.00 30.01
N TYR D 104 26.97 10.50 28.77
CA TYR D 104 25.69 10.44 28.10
C TYR D 104 25.15 9.01 28.02
N SER D 105 25.69 8.10 28.84
CA SER D 105 25.11 6.75 28.89
C SER D 105 23.73 6.80 29.54
N VAL D 106 22.77 6.11 28.93
CA VAL D 106 21.43 6.04 29.47
C VAL D 106 20.91 4.62 29.58
N ALA D 107 21.72 3.62 29.24
CA ALA D 107 21.31 2.23 29.28
C ALA D 107 22.48 1.37 29.70
N ASN D 108 22.16 0.20 30.27
CA ASN D 108 23.16 -0.78 30.67
C ASN D 108 22.53 -2.15 30.52
N ASP D 109 23.38 -3.17 30.44
CA ASP D 109 22.86 -4.51 30.62
C ASP D 109 23.90 -5.41 31.26
N ALA D 110 23.41 -6.52 31.78
CA ALA D 110 24.22 -7.50 32.49
C ALA D 110 24.33 -8.82 31.75
N GLY D 111 24.29 -8.79 30.41
CA GLY D 111 24.34 -9.99 29.60
C GLY D 111 23.07 -10.09 28.78
N PHE D 112 22.79 -11.29 28.31
CA PHE D 112 21.64 -11.50 27.43
C PHE D 112 21.13 -12.92 27.62
N VAL D 113 19.94 -13.16 27.09
CA VAL D 113 19.24 -14.43 27.17
C VAL D 113 18.91 -14.87 25.76
N ASP D 114 19.43 -16.02 25.36
CA ASP D 114 19.05 -16.67 24.11
C ASP D 114 17.83 -17.57 24.34
N ILE D 115 16.90 -17.52 23.39
CA ILE D 115 15.64 -18.27 23.47
C ILE D 115 15.77 -19.55 22.66
N PRO D 116 15.29 -20.72 23.15
CA PRO D 116 15.32 -21.94 22.31
C PRO D 116 14.67 -21.71 20.95
N LYS D 117 15.11 -22.50 19.96
CA LYS D 117 14.71 -22.32 18.55
C LYS D 117 13.34 -22.93 18.27
N GLN D 118 12.31 -22.37 18.91
CA GLN D 118 10.94 -22.85 18.81
C GLN D 118 10.00 -21.67 18.88
N GLU D 119 9.00 -21.62 18.00
CA GLU D 119 8.08 -20.50 18.07
C GLU D 119 7.24 -20.50 19.36
N LYS D 120 7.02 -21.66 20.00
CA LYS D 120 6.30 -21.66 21.28
C LYS D 120 7.13 -20.95 22.35
N ALA D 121 8.43 -21.23 22.38
CA ALA D 121 9.30 -20.52 23.30
C ALA D 121 9.38 -19.02 22.98
N LEU D 122 9.43 -18.67 21.69
CA LEU D 122 9.42 -17.25 21.37
C LEU D 122 8.13 -16.59 21.85
N MET D 123 6.97 -17.25 21.65
CA MET D 123 5.72 -16.67 22.14
C MET D 123 5.78 -16.38 23.64
N LYS D 124 6.23 -17.35 24.43
CA LYS D 124 6.32 -17.16 25.87
C LYS D 124 7.22 -15.99 26.22
N ALA D 125 8.33 -15.84 25.47
CA ALA D 125 9.24 -14.73 25.75
C ALA D 125 8.58 -13.38 25.42
N VAL D 126 7.95 -13.28 24.25
CA VAL D 126 7.27 -12.02 23.95
C VAL D 126 6.24 -11.70 25.03
N ALA D 127 5.47 -12.73 25.46
CA ALA D 127 4.41 -12.48 26.43
C ALA D 127 4.95 -12.04 27.79
N THR D 128 6.12 -12.53 28.20
CA THR D 128 6.57 -12.33 29.57
C THR D 128 7.73 -11.35 29.70
N VAL D 129 8.40 -10.98 28.60
CA VAL D 129 9.63 -10.19 28.66
C VAL D 129 9.43 -8.80 28.08
N GLY D 130 8.85 -8.73 26.90
CA GLY D 130 8.82 -7.50 26.14
C GLY D 130 9.28 -7.78 24.72
N PRO D 131 9.62 -6.72 23.98
CA PRO D 131 10.12 -6.93 22.61
C PRO D 131 11.38 -7.77 22.58
N ILE D 132 11.46 -8.61 21.54
CA ILE D 132 12.54 -9.60 21.38
C ILE D 132 13.31 -9.38 20.08
N SER D 133 14.64 -9.37 20.14
CA SER D 133 15.45 -9.33 18.92
C SER D 133 15.40 -10.67 18.20
N VAL D 134 15.21 -10.63 16.87
CA VAL D 134 15.19 -11.84 16.07
C VAL D 134 15.88 -11.61 14.74
N ALA D 135 16.38 -12.69 14.16
CA ALA D 135 16.92 -12.70 12.82
C ALA D 135 15.94 -13.41 11.89
N ILE D 136 15.80 -12.87 10.68
CA ILE D 136 14.93 -13.48 9.68
C ILE D 136 15.61 -13.53 8.33
N ASP D 137 15.11 -14.41 7.47
CA ASP D 137 15.44 -14.38 6.05
C ASP D 137 14.56 -13.32 5.39
N ALA D 138 15.12 -12.14 5.13
CA ALA D 138 14.45 -11.07 4.39
C ALA D 138 14.95 -10.93 2.97
N GLY D 139 15.66 -11.92 2.45
CA GLY D 139 16.29 -11.82 1.15
C GLY D 139 15.40 -12.26 0.00
N HIS D 140 14.21 -11.70 -0.05
CA HIS D 140 13.24 -11.97 -1.11
C HIS D 140 12.56 -10.67 -1.49
N GLU D 141 12.27 -10.50 -2.79
CA GLU D 141 11.70 -9.21 -3.17
C GLU D 141 10.31 -9.02 -2.57
N SER D 142 9.57 -10.10 -2.28
CA SER D 142 8.29 -9.96 -1.59
C SER D 142 8.42 -9.22 -0.27
N PHE D 143 9.53 -9.40 0.44
CA PHE D 143 9.75 -8.64 1.65
C PHE D 143 10.07 -7.17 1.35
N LEU D 144 10.86 -6.90 0.31
CA LEU D 144 11.11 -5.50 -0.06
C LEU D 144 9.83 -4.76 -0.38
N PHE D 145 8.89 -5.46 -1.04
CA PHE D 145 7.67 -4.85 -1.55
C PHE D 145 6.50 -4.91 -0.57
N TYR D 146 6.72 -5.41 0.64
CA TYR D 146 5.61 -5.66 1.56
C TYR D 146 4.91 -4.35 1.91
N LYS D 147 3.55 -4.39 1.90
CA LYS D 147 2.77 -3.20 2.26
C LYS D 147 1.75 -3.44 3.37
N GLU D 148 1.03 -4.56 3.33
N GLU D 148 0.99 -4.54 3.33
CA GLU D 148 -0.07 -4.86 4.22
CA GLU D 148 -0.01 -4.83 4.34
C GLU D 148 -0.26 -6.38 4.32
C GLU D 148 -0.28 -6.34 4.32
N GLY D 149 -0.86 -6.82 5.42
CA GLY D 149 -1.28 -8.21 5.54
C GLY D 149 -0.28 -9.11 6.24
N ILE D 150 -0.62 -10.40 6.24
CA ILE D 150 0.25 -11.43 6.82
C ILE D 150 1.32 -11.84 5.81
N TYR D 151 2.57 -11.48 6.09
CA TYR D 151 3.65 -11.79 5.19
C TYR D 151 3.92 -13.29 5.21
N PHE D 152 3.85 -13.93 4.06
CA PHE D 152 4.24 -15.32 3.95
C PHE D 152 4.92 -15.49 2.60
N GLU D 153 6.11 -16.09 2.61
CA GLU D 153 6.94 -16.22 1.42
C GLU D 153 7.29 -17.69 1.23
N PRO D 154 6.72 -18.39 0.25
CA PRO D 154 7.05 -19.84 0.11
C PRO D 154 8.52 -20.13 -0.03
N ASP D 155 9.32 -19.20 -0.52
CA ASP D 155 10.74 -19.46 -0.70
C ASP D 155 11.56 -19.13 0.54
N CYS D 156 10.92 -18.74 1.64
CA CYS D 156 11.71 -18.32 2.81
C CYS D 156 12.48 -19.50 3.39
N SER D 157 13.63 -19.21 3.97
CA SER D 157 14.41 -20.23 4.67
C SER D 157 14.25 -20.10 6.18
N SER D 158 14.20 -21.23 6.88
CA SER D 158 14.16 -21.25 8.34
C SER D 158 15.54 -21.41 8.95
N GLU D 159 16.57 -21.56 8.12
CA GLU D 159 17.90 -21.83 8.59
C GLU D 159 18.93 -20.78 8.19
N ASP D 160 18.65 -19.95 7.19
CA ASP D 160 19.60 -18.96 6.69
C ASP D 160 18.97 -17.57 6.77
N MET D 161 19.34 -16.83 7.80
CA MET D 161 18.77 -15.52 8.09
C MET D 161 19.79 -14.44 7.73
N ASP D 162 19.30 -13.24 7.42
CA ASP D 162 20.20 -12.20 6.94
C ASP D 162 19.83 -10.83 7.45
N HIS D 163 18.82 -10.73 8.33
CA HIS D 163 18.32 -9.41 8.71
C HIS D 163 17.80 -9.48 10.14
N GLY D 164 18.19 -8.52 10.96
CA GLY D 164 17.76 -8.48 12.33
C GLY D 164 16.62 -7.49 12.47
N VAL D 165 15.58 -7.91 13.18
CA VAL D 165 14.43 -7.05 13.42
C VAL D 165 13.97 -7.26 14.85
N LEU D 166 12.77 -6.75 15.20
CA LEU D 166 12.30 -6.74 16.59
C LEU D 166 10.84 -7.17 16.65
N VAL D 167 10.57 -8.24 17.38
CA VAL D 167 9.19 -8.70 17.61
C VAL D 167 8.61 -7.90 18.76
N VAL D 168 7.53 -7.16 18.49
CA VAL D 168 6.92 -6.36 19.55
C VAL D 168 5.55 -6.90 19.96
N GLY D 169 5.13 -8.02 19.41
CA GLY D 169 3.83 -8.58 19.78
C GLY D 169 3.45 -9.71 18.86
N TYR D 170 2.21 -10.15 19.00
CA TYR D 170 1.71 -11.18 18.11
C TYR D 170 0.20 -11.13 18.20
N GLY D 171 -0.43 -11.79 17.25
CA GLY D 171 -1.88 -11.83 17.27
C GLY D 171 -2.44 -12.88 16.33
N PHE D 172 -3.74 -12.74 16.04
CA PHE D 172 -4.42 -13.81 15.36
C PHE D 172 -5.42 -13.20 14.40
N GLU D 173 -5.92 -14.07 13.52
CA GLU D 173 -6.87 -13.64 12.51
C GLU D 173 -8.27 -13.48 13.10
N SER D 174 -8.71 -14.44 13.91
CA SER D 174 -9.99 -14.41 14.58
C SER D 174 -10.06 -15.55 15.59
N THR D 175 -11.14 -15.55 16.38
CA THR D 175 -11.41 -16.68 17.26
C THR D 175 -11.79 -17.93 16.48
N GLU D 176 -12.15 -17.78 15.20
CA GLU D 176 -12.70 -18.89 14.43
C GLU D 176 -11.72 -20.07 14.35
N SER D 177 -10.42 -19.80 14.38
CA SER D 177 -9.41 -20.86 14.31
C SER D 177 -8.03 -20.25 14.53
N ASP D 178 -7.01 -21.10 14.37
CA ASP D 178 -5.61 -20.70 14.47
C ASP D 178 -5.01 -20.33 13.12
N ASN D 179 -5.84 -20.07 12.13
CA ASN D 179 -5.30 -19.75 10.81
C ASN D 179 -4.69 -18.37 10.81
N ASN D 180 -3.56 -18.22 10.11
CA ASN D 180 -3.02 -16.90 9.78
C ASN D 180 -2.75 -16.07 11.05
N LYS D 181 -2.13 -16.72 12.03
CA LYS D 181 -1.56 -16.01 13.16
C LYS D 181 -0.31 -15.25 12.70
N TYR D 182 0.11 -14.27 13.52
CA TYR D 182 1.23 -13.45 13.07
C TYR D 182 2.07 -12.96 14.23
N TRP D 183 3.33 -12.72 13.91
CA TRP D 183 4.26 -11.91 14.72
C TRP D 183 4.18 -10.45 14.28
N LEU D 184 4.02 -9.53 15.24
CA LEU D 184 4.09 -8.12 14.93
C LEU D 184 5.55 -7.68 15.00
N VAL D 185 6.10 -7.17 13.89
CA VAL D 185 7.56 -6.97 13.74
C VAL D 185 7.87 -5.53 13.36
N LYS D 186 8.75 -4.89 14.15
CA LYS D 186 9.27 -3.57 13.84
C LYS D 186 10.51 -3.73 12.98
N ASN D 187 10.53 -3.08 11.82
CA ASN D 187 11.71 -3.08 10.95
C ASN D 187 12.43 -1.75 11.12
N SER D 188 13.59 -1.59 10.46
CA SER D 188 14.36 -0.34 10.53
C SER D 188 14.60 0.20 9.12
N TRP D 189 13.59 0.14 8.26
CA TRP D 189 13.67 0.69 6.91
C TRP D 189 12.76 1.91 6.71
N GLY D 190 12.49 2.63 7.78
CA GLY D 190 11.66 3.81 7.72
C GLY D 190 10.18 3.47 7.64
N GLU D 191 9.39 4.54 7.70
CA GLU D 191 7.93 4.45 7.80
C GLU D 191 7.23 4.19 6.45
N GLU D 192 7.88 4.46 5.32
CA GLU D 192 7.22 4.18 4.06
C GLU D 192 7.09 2.68 3.84
N TRP D 193 8.14 1.92 4.17
CA TRP D 193 8.12 0.47 4.02
C TRP D 193 7.00 -0.13 4.87
N GLY D 194 6.30 -1.12 4.31
CA GLY D 194 5.31 -1.89 5.06
C GLY D 194 4.19 -1.05 5.63
N MET D 195 3.75 -1.43 6.83
CA MET D 195 2.62 -0.79 7.53
C MET D 195 3.21 0.19 8.54
N GLY D 196 3.52 1.41 8.08
CA GLY D 196 4.18 2.36 8.94
C GLY D 196 5.53 1.85 9.40
N GLY D 197 6.18 0.99 8.61
CA GLY D 197 7.45 0.40 9.02
C GLY D 197 7.34 -0.92 9.77
N TYR D 198 6.14 -1.42 9.99
CA TYR D 198 5.90 -2.71 10.63
C TYR D 198 5.48 -3.76 9.61
N VAL D 199 5.66 -5.04 9.99
CA VAL D 199 5.20 -6.16 9.16
C VAL D 199 4.57 -7.21 10.08
N LYS D 200 3.47 -7.81 9.63
CA LYS D 200 2.92 -8.96 10.34
C LYS D 200 3.49 -10.22 9.68
N MET D 201 4.34 -10.96 10.38
N MET D 201 4.36 -10.94 10.40
CA MET D 201 4.97 -12.12 9.79
CA MET D 201 5.00 -12.14 9.88
C MET D 201 4.29 -13.41 10.26
C MET D 201 4.21 -13.39 10.27
N ALA D 202 4.11 -14.34 9.32
CA ALA D 202 3.43 -15.59 9.61
C ALA D 202 3.97 -16.26 10.87
N LYS D 203 3.06 -16.62 11.78
CA LYS D 203 3.36 -17.26 13.06
C LYS D 203 2.78 -18.66 13.11
N ASP D 204 3.60 -19.59 13.63
CA ASP D 204 3.25 -20.99 13.82
C ASP D 204 3.03 -21.68 12.47
N ARG D 205 3.80 -21.27 11.47
CA ARG D 205 3.80 -21.91 10.16
C ARG D 205 5.24 -22.38 9.89
N ARG D 206 5.68 -23.33 10.71
CA ARG D 206 6.96 -24.02 10.52
C ARG D 206 8.15 -23.06 10.64
N ASN D 207 8.12 -22.20 11.64
CA ASN D 207 9.22 -21.27 11.88
C ASN D 207 9.57 -20.50 10.60
N HIS D 208 8.54 -19.84 10.08
CA HIS D 208 8.63 -19.18 8.78
C HIS D 208 9.70 -18.08 8.79
N CYS D 209 10.59 -18.12 7.78
CA CYS D 209 11.72 -17.20 7.62
C CYS D 209 12.69 -17.25 8.77
N GLY D 210 12.59 -18.25 9.64
CA GLY D 210 13.60 -18.44 10.69
C GLY D 210 13.42 -17.54 11.88
N ILE D 211 12.22 -17.00 12.07
CA ILE D 211 12.00 -15.96 13.07
C ILE D 211 12.31 -16.45 14.48
N ALA D 212 12.19 -17.75 14.74
CA ALA D 212 12.51 -18.26 16.06
C ALA D 212 13.92 -18.84 16.17
N SER D 213 14.75 -18.70 15.12
CA SER D 213 16.01 -19.44 15.04
C SER D 213 17.16 -18.75 15.78
N ALA D 214 17.05 -17.45 16.04
CA ALA D 214 18.15 -16.71 16.67
C ALA D 214 17.55 -15.54 17.46
N ALA D 215 16.66 -15.84 18.41
CA ALA D 215 15.92 -14.83 19.17
C ALA D 215 16.62 -14.62 20.52
N SER D 216 16.64 -13.37 20.99
CA SER D 216 17.34 -13.08 22.26
C SER D 216 16.89 -11.72 22.79
N TYR D 217 17.26 -11.43 24.05
CA TYR D 217 17.00 -10.12 24.62
C TYR D 217 18.05 -9.83 25.67
N PRO D 218 18.27 -8.57 26.00
CA PRO D 218 19.28 -8.24 27.01
C PRO D 218 18.73 -8.33 28.41
N THR D 219 19.62 -8.68 29.35
CA THR D 219 19.32 -8.77 30.77
C THR D 219 19.59 -7.41 31.40
N VAL D 220 18.59 -6.80 32.01
CA VAL D 220 18.85 -5.51 32.63
C VAL D 220 18.55 -5.63 34.13
N1 JQO E . 19.74 -3.10 -16.05
C4 JQO E . 20.10 -4.44 -14.11
C5 JQO E . 19.37 -4.39 -15.48
C6 JQO E . 17.88 -4.38 -15.25
C7 JQO E . 20.31 -2.98 -17.36
C8 JQO E . 20.61 -1.54 -17.78
C10 JQO E . 18.52 -1.48 -19.21
C13 JQO E . 23.92 -1.48 -16.44
C15 JQO E . 25.06 -3.43 -15.54
C17 JQO E . 24.35 -3.44 -17.90
C1 JQO E . 22.33 -4.15 -12.95
C11 JQO E . 19.59 0.67 -18.35
C12 JQO E . 23.82 -2.04 -17.62
C14 JQO E . 24.60 -2.23 -15.30
C16 JQO E . 24.93 -4.08 -16.93
C2 JQO E . 21.63 -4.47 -14.29
C3 JQO E . 22.05 -5.89 -14.66
C9 JQO E . 19.28 -0.81 -18.05
F1 JQO E . 25.67 -4.12 -14.53
N2 JQO E . 21.37 -1.62 -18.97
O1 JQO E . 17.47 -5.46 -14.79
O2 JQO E . 20.49 -3.92 -18.09
O3 JQO E . 23.52 -1.13 -20.26
O4 JQO E . 22.99 0.30 -18.43
S1 JQO E . 23.00 -1.09 -18.93
S DMS F . 22.21 14.23 -9.13
O DMS F . 21.78 14.92 -10.40
C1 DMS F . 22.16 12.47 -9.46
C2 DMS F . 20.94 14.28 -7.83
S DMS G . 11.13 -18.76 -13.12
O DMS G . 9.85 -18.10 -13.54
C1 DMS G . 11.54 -18.46 -11.37
C2 DMS G . 10.95 -20.57 -13.13
N1 JQO H . -24.38 -2.07 -4.79
C4 JQO H . -23.95 0.10 -3.82
C5 JQO H . -23.94 -0.73 -5.14
C6 JQO H . -22.49 -0.81 -5.71
C7 JQO H . -25.48 -2.71 -5.45
C8 JQO H . -25.77 -4.13 -4.97
C10 JQO H . -24.54 -5.11 -6.98
C13 JQO H . -28.00 -2.95 -2.48
C15 JQO H . -29.02 -0.74 -2.39
C17 JQO H . -29.50 -2.19 -4.34
C1 JQO H . -25.48 0.75 -1.91
C11 JQO H . -24.85 -6.47 -4.85
C12 JQO H . -28.59 -3.18 -3.63
C14 JQO H . -28.24 -1.61 -1.81
C16 JQO H . -29.69 -1.03 -3.72
C2 JQO H . -25.42 0.41 -3.41
C3 JQO H . -25.98 1.57 -4.22
C9 JQO H . -24.65 -5.06 -5.43
F1 JQO H . -29.23 0.46 -1.79
N2 JQO H . -27.03 -4.59 -5.53
O1 JQO H . -22.14 0.32 -6.09
O2 JQO H . -26.06 -2.16 -6.34
O3 JQO H . -29.39 -5.26 -5.21
O4 JQO H . -27.84 -5.74 -3.39
S1 JQO H . -28.27 -4.78 -4.42
C ACT I . -29.19 -3.40 -33.15
O ACT I . -28.17 -3.13 -32.40
OXT ACT I . -29.65 -2.72 -34.02
CH3 ACT I . -29.95 -4.76 -32.94
S DMS J . -35.70 6.34 -24.57
O DMS J . -34.83 5.19 -24.15
C1 DMS J . -35.07 6.99 -26.14
C2 DMS J . -35.32 7.78 -23.51
H11 DMS J . -35.84 6.97 -26.86
H12 DMS J . -34.26 6.40 -26.47
H13 DMS J . -34.75 8.00 -26.00
H21 DMS J . -35.87 8.61 -23.85
H22 DMS J . -34.28 7.99 -23.57
H23 DMS J . -35.59 7.56 -22.51
S DMS K . -12.77 -20.49 -23.28
O DMS K . -12.15 -21.59 -22.48
C1 DMS K . -14.36 -20.99 -24.02
C2 DMS K . -13.42 -19.30 -22.11
H11 DMS K . -15.09 -21.04 -23.25
H12 DMS K . -14.25 -21.94 -24.48
H13 DMS K . -14.64 -20.27 -24.74
H21 DMS K . -14.20 -18.73 -22.57
H22 DMS K . -12.65 -18.64 -21.81
H23 DMS K . -13.81 -19.80 -21.26
N1 JQO L . -17.30 14.33 13.14
C4 JQO L . -18.45 12.41 12.28
C5 JQO L . -17.54 12.93 13.41
C6 JQO L . -16.19 12.21 13.45
C7 JQO L . -17.58 15.37 14.10
C8 JQO L . -17.25 16.81 13.67
C10 JQO L . -15.16 16.79 15.05
C13 JQO L . -20.69 17.17 12.54
C15 JQO L . -22.85 16.10 13.16
C17 JQO L . -21.60 17.42 14.84
C1 JQO L . -20.51 12.95 10.96
C11 JQO L . -15.42 18.40 13.14
C12 JQO L . -20.57 17.66 13.75
C14 JQO L . -21.93 16.32 12.22
C16 JQO L . -22.67 16.69 14.56
C2 JQO L . -19.79 13.18 12.31
C3 JQO L . -20.60 12.56 13.43
C9 JQO L . -15.72 16.99 13.63
F1 JQO L . -23.96 15.34 12.90
N2 JQO L . -17.79 17.72 14.63
O1 JQO L . -16.41 11.02 13.54
O2 JQO L . -18.02 15.13 15.18
O3 JQO L . -19.40 19.64 15.20
O4 JQO L . -18.74 19.48 12.96
S1 JQO L . -19.11 18.69 14.15
S DMS M . -24.34 9.95 35.98
O DMS M . -23.23 10.71 35.33
C1 DMS M . -24.94 8.75 34.75
C2 DMS M . -23.66 8.80 37.19
H11 DMS M . -25.30 7.90 35.25
H12 DMS M . -24.13 8.47 34.12
H13 DMS M . -25.71 9.19 34.18
H21 DMS M . -24.41 8.48 37.86
H22 DMS M . -22.89 9.27 37.75
H23 DMS M . -23.25 7.95 36.69
C1 PEG N . -14.86 1.93 35.66
O1 PEG N . -13.55 2.43 35.90
C2 PEG N . -15.38 2.48 34.37
O2 PEG N . -16.35 1.56 33.86
C3 PEG N . -16.15 1.22 32.49
C4 PEG N . -15.99 -0.26 32.31
O4 PEG N . -14.68 -0.71 32.67
C1 PEG O . 14.50 -5.05 -6.89
O1 PEG O . 15.55 -5.65 -6.14
C2 PEG O . 13.52 -6.08 -7.36
O2 PEG O . 14.20 -7.09 -8.08
C3 PEG O . 15.27 -6.57 -8.86
C4 PEG O . 15.74 -7.62 -9.82
O4 PEG O . 17.10 -7.43 -10.18
N1 JQO P . 22.46 -8.25 8.45
C4 JQO P . 22.92 -6.98 6.42
C5 JQO P . 22.59 -6.90 7.91
C6 JQO P . 21.25 -6.16 8.19
C7 JQO P . 23.25 -8.83 9.53
C8 JQO P . 22.86 -10.26 9.91
C10 JQO P . 21.60 -9.39 11.96
C13 JQO P . 25.27 -11.58 7.56
C15 JQO P . 27.09 -10.32 6.52
C17 JQO P . 26.99 -10.48 8.96
C1 JQO P . 24.22 -8.33 4.77
C11 JQO P . 21.12 -11.69 10.98
C12 JQO P . 25.74 -11.32 8.76
C14 JQO P . 26.01 -11.04 6.34
C16 JQO P . 27.62 -10.03 7.91
C2 JQO P . 24.26 -7.76 6.21
C3 JQO P . 25.42 -6.78 6.29
C9 JQO P . 21.53 -10.25 10.69
F1 JQO P . 27.78 -9.83 5.44
N2 JQO P . 23.88 -10.71 10.80
O1 JQO P . 21.41 -4.98 7.95
O2 JQO P . 24.12 -8.21 10.08
O3 JQO P . 25.73 -12.44 11.28
O4 JQO P . 24.02 -13.08 9.80
S1 JQO P . 24.86 -11.95 10.22
S DMS Q . 6.57 -7.67 32.20
O DMS Q . 7.33 -7.31 30.94
C1 DMS Q . 6.04 -6.19 33.10
C2 DMS Q . 4.98 -8.41 31.68
S DMS R . 8.81 1.66 36.60
O DMS R . 9.30 0.25 36.52
C1 DMS R . 9.13 2.39 38.22
C2 DMS R . 7.00 1.69 36.54
S DMS S . 16.73 -1.80 1.88
O DMS S . 16.97 -0.99 0.65
C1 DMS S . 17.81 -1.17 3.19
C2 DMS S . 17.43 -3.46 1.65
S DMS T . 18.82 -7.69 3.73
O DMS T . 18.97 -6.20 3.87
C1 DMS T . 20.45 -8.44 3.42
C2 DMS T . 17.95 -8.09 2.20
C1 PEG U . 29.64 12.97 22.62
O1 PEG U . 30.70 13.54 23.38
C2 PEG U . 30.14 11.80 21.80
O2 PEG U . 29.29 11.60 20.68
C3 PEG U . 29.79 12.18 19.48
C4 PEG U . 28.86 11.88 18.34
O4 PEG U . 28.18 13.04 17.85
#